data_7LFF
#
_entry.id   7LFF
#
_cell.length_a   43.990
_cell.length_b   52.680
_cell.length_c   86.750
_cell.angle_alpha   86.900
_cell.angle_beta   79.996
_cell.angle_gamma   89.924
#
_symmetry.space_group_name_H-M   'P 1'
#
loop_
_entity.id
_entity.type
_entity.pdbx_description
1 polymer 'Kinesin-like protein'
2 non-polymer "ADENOSINE-5'-DIPHOSPHATE"
3 non-polymer 'MAGNESIUM ION'
4 water water
#
_entity_poly.entity_id   1
_entity_poly.type   'polypeptide(L)'
_entity_poly.pdbx_seq_one_letter_code
;MASYPNSLGSPATVTSTSVPTAKQSSISVAVRVRPFTEAESNRLVKIDNDDVFLGDGCLTSDNNNNNNNSNSNGNGNGNG
SSAANSSGASTSRRAIFNTLGGLRKIINVVDDRMLIFDPPETNPLTKMQRNAFPNSFKGSRIREHRFVFDRLFDEDCTQD
QVYRNTTQPLLDSVLDGYNATVFAYGATGCGKTHTISGTPEDPGVIFLTMKELYNRIEELKDTKIIDISLSYLEIYNETI
RDLLNPMTQCKNLVIREDANNKISVSNLSRHRPNSVEEVMQLILEGNKNRTCSPTEANATSSRSHAVLQINVIQKDRTGD
ITEEHTFATLSIIDLAGSERAAATKNRGARLNEGANINKSLLALGNCINALCDPRRRNHVPYRDSKLTRLLKFSLGGNCK
TVMIVCVSPSSQHYDETLNTLKYADRAKEIKTKLIRNLEHHHHHH
;
_entity_poly.pdbx_strand_id   A,B
#
loop_
_chem_comp.id
_chem_comp.type
_chem_comp.name
_chem_comp.formula
ADP non-polymer ADENOSINE-5'-DIPHOSPHATE 'C10 H15 N5 O10 P2'
MG non-polymer 'MAGNESIUM ION' 'Mg 2'
#
# COMPACT_ATOMS: atom_id res chain seq x y z
N SER A 26 -1.60 -1.65 8.66
CA SER A 26 -2.37 -1.39 7.46
C SER A 26 -3.79 -0.92 7.80
N ILE A 27 -3.90 0.32 8.26
CA ILE A 27 -5.16 0.90 8.72
C ILE A 27 -5.57 2.00 7.74
N SER A 28 -6.79 1.91 7.24
CA SER A 28 -7.34 2.85 6.28
C SER A 28 -8.32 3.78 6.97
N VAL A 29 -8.23 5.08 6.68
CA VAL A 29 -9.04 6.09 7.34
C VAL A 29 -9.90 6.80 6.32
N ALA A 30 -11.20 6.84 6.58
CA ALA A 30 -12.15 7.58 5.77
C ALA A 30 -12.91 8.55 6.67
N VAL A 31 -13.34 9.67 6.09
CA VAL A 31 -14.13 10.67 6.80
C VAL A 31 -15.49 10.76 6.15
N ARG A 32 -16.54 10.77 6.97
CA ARG A 32 -17.91 10.96 6.50
C ARG A 32 -18.53 12.13 7.24
N VAL A 33 -18.82 13.20 6.51
CA VAL A 33 -19.46 14.38 7.06
C VAL A 33 -20.97 14.15 7.02
N ARG A 34 -21.60 14.13 8.19
CA ARG A 34 -23.05 14.03 8.23
C ARG A 34 -23.67 15.31 7.67
N PRO A 35 -24.87 15.23 7.10
CA PRO A 35 -25.53 16.44 6.60
C PRO A 35 -26.06 17.28 7.75
N PHE A 36 -26.36 18.53 7.43
CA PHE A 36 -27.04 19.39 8.38
C PHE A 36 -28.46 18.91 8.60
N THR A 37 -28.99 19.18 9.78
CA THR A 37 -30.42 19.02 10.01
C THR A 37 -31.16 20.20 9.39
N GLU A 38 -32.48 20.17 9.46
CA GLU A 38 -33.27 21.24 8.85
C GLU A 38 -33.09 22.55 9.61
N ALA A 39 -33.10 22.49 10.95
CA ALA A 39 -32.86 23.69 11.75
C ALA A 39 -31.44 24.19 11.59
N GLU A 40 -30.45 23.29 11.63
CA GLU A 40 -29.07 23.66 11.41
C GLU A 40 -28.91 24.47 10.13
N SER A 41 -29.41 23.94 9.01
CA SER A 41 -29.34 24.67 7.75
C SER A 41 -30.13 25.97 7.82
N ASN A 42 -31.22 26.00 8.60
CA ASN A 42 -31.99 27.23 8.75
C ASN A 42 -31.25 28.31 9.52
N ARG A 43 -30.19 27.97 10.25
CA ARG A 43 -29.43 28.98 11.00
C ARG A 43 -28.16 29.46 10.28
N LEU A 44 -27.87 28.92 9.10
CA LEU A 44 -26.72 29.34 8.28
C LEU A 44 -26.77 30.79 7.84
N GLY A 102 -26.32 31.68 14.72
CA GLY A 102 -25.59 31.77 13.47
C GLY A 102 -24.54 30.69 13.31
N LEU A 103 -24.67 29.88 12.27
CA LEU A 103 -23.74 28.80 11.97
C LEU A 103 -23.10 29.03 10.61
N ARG A 104 -22.11 28.19 10.30
CA ARG A 104 -21.47 28.17 9.00
C ARG A 104 -20.78 26.82 8.84
N LYS A 105 -20.68 26.36 7.59
CA LYS A 105 -20.07 25.08 7.32
C LYS A 105 -18.58 25.13 7.64
N ILE A 106 -18.14 24.25 8.54
CA ILE A 106 -16.78 24.30 9.05
C ILE A 106 -15.83 23.37 8.30
N ILE A 107 -16.34 22.59 7.34
CA ILE A 107 -15.52 21.71 6.52
C ILE A 107 -15.84 21.95 5.05
N ASN A 108 -14.80 22.03 4.22
CA ASN A 108 -14.94 22.03 2.76
C ASN A 108 -14.32 20.72 2.27
N VAL A 109 -15.14 19.85 1.70
CA VAL A 109 -14.63 18.63 1.07
C VAL A 109 -14.17 19.01 -0.32
N VAL A 110 -12.87 19.18 -0.50
CA VAL A 110 -12.32 19.59 -1.80
C VAL A 110 -12.59 18.50 -2.83
N ASP A 111 -12.09 17.30 -2.58
CA ASP A 111 -12.21 16.20 -3.54
C ASP A 111 -12.36 14.89 -2.76
N ASP A 112 -12.09 13.77 -3.43
CA ASP A 112 -12.24 12.45 -2.82
C ASP A 112 -11.21 12.14 -1.74
N ARG A 113 -10.18 12.96 -1.60
CA ARG A 113 -9.13 12.62 -0.66
C ARG A 113 -8.67 13.78 0.21
N MET A 114 -9.20 14.98 0.04
CA MET A 114 -8.75 16.11 0.83
C MET A 114 -9.87 17.07 1.16
N LEU A 115 -9.91 17.46 2.42
CA LEU A 115 -10.81 18.49 2.92
C LEU A 115 -9.99 19.57 3.61
N ILE A 116 -10.69 20.66 3.91
CA ILE A 116 -10.14 21.82 4.57
C ILE A 116 -11.05 22.11 5.76
N PHE A 117 -10.50 22.02 6.96
CA PHE A 117 -11.22 22.36 8.17
C PHE A 117 -11.07 23.85 8.43
N ASP A 118 -12.15 24.47 8.91
CA ASP A 118 -12.23 25.91 9.12
C ASP A 118 -11.84 26.62 7.83
N PRO A 119 -12.55 26.35 6.73
CA PRO A 119 -12.04 26.72 5.41
C PRO A 119 -12.29 28.19 5.10
N PRO A 120 -11.56 28.76 4.15
CA PRO A 120 -11.73 30.19 3.86
C PRO A 120 -13.09 30.48 3.24
N GLU A 121 -13.38 31.78 3.17
CA GLU A 121 -14.71 32.29 2.85
C GLU A 121 -14.88 32.32 1.34
N THR A 122 -15.90 31.61 0.85
CA THR A 122 -15.94 31.13 -0.54
C THR A 122 -16.29 32.19 -1.57
N ASN A 123 -16.80 33.34 -1.17
CA ASN A 123 -17.07 34.44 -2.09
C ASN A 123 -15.82 35.32 -2.21
N PRO A 124 -15.27 35.54 -3.42
CA PRO A 124 -14.06 36.38 -3.52
C PRO A 124 -14.21 37.74 -2.88
N LEU A 125 -15.33 38.44 -3.13
CA LEU A 125 -15.51 39.76 -2.56
C LEU A 125 -15.58 39.67 -1.05
N THR A 126 -16.26 38.64 -0.55
CA THR A 126 -16.48 38.52 0.89
C THR A 126 -15.17 38.19 1.61
N LYS A 127 -14.31 37.39 0.97
CA LYS A 127 -12.98 37.13 1.49
C LYS A 127 -12.13 38.41 1.51
N MET A 128 -12.16 39.19 0.41
CA MET A 128 -11.49 40.48 0.41
C MET A 128 -11.94 41.34 1.58
N GLN A 129 -13.24 41.34 1.87
CA GLN A 129 -13.72 42.07 3.04
C GLN A 129 -13.15 41.50 4.34
N ARG A 130 -13.04 40.17 4.44
CA ARG A 130 -12.52 39.61 5.68
C ARG A 130 -11.05 39.97 5.89
N ASN A 131 -10.33 40.35 4.84
CA ASN A 131 -8.93 40.70 5.01
C ASN A 131 -8.75 42.19 5.28
N ALA A 132 -9.70 42.81 5.96
CA ALA A 132 -9.71 44.25 6.13
C ALA A 132 -9.51 44.64 7.59
N GLU A 144 -7.07 27.81 9.33
CA GLU A 144 -7.56 26.66 8.58
C GLU A 144 -6.58 25.50 8.69
N HIS A 145 -7.10 24.29 8.61
CA HIS A 145 -6.27 23.09 8.64
C HIS A 145 -6.56 22.26 7.41
N ARG A 146 -5.51 21.69 6.81
CA ARG A 146 -5.69 20.92 5.60
C ARG A 146 -5.50 19.45 5.93
N PHE A 147 -6.44 18.62 5.49
CA PHE A 147 -6.42 17.22 5.82
C PHE A 147 -6.55 16.36 4.57
N VAL A 148 -5.66 15.37 4.49
CA VAL A 148 -5.66 14.36 3.44
C VAL A 148 -5.91 13.01 4.09
N PHE A 149 -6.94 12.32 3.62
CA PHE A 149 -7.29 10.99 4.11
C PHE A 149 -7.47 10.07 2.92
N ASP A 150 -7.64 8.78 3.23
CA ASP A 150 -7.74 7.80 2.16
C ASP A 150 -9.04 7.97 1.36
N ARG A 151 -10.11 8.44 1.99
CA ARG A 151 -11.36 8.60 1.26
C ARG A 151 -12.34 9.48 2.03
N LEU A 152 -13.04 10.34 1.30
CA LEU A 152 -13.93 11.35 1.86
C LEU A 152 -15.34 11.17 1.35
N PHE A 153 -16.30 11.41 2.24
CA PHE A 153 -17.73 11.31 1.95
C PHE A 153 -18.39 12.56 2.48
N ASP A 154 -19.07 13.29 1.61
CA ASP A 154 -19.67 14.55 2.02
C ASP A 154 -21.13 14.33 2.43
N GLU A 155 -21.79 15.44 2.80
CA GLU A 155 -23.11 15.36 3.41
C GLU A 155 -24.11 14.56 2.59
N ASP A 156 -23.94 14.53 1.27
CA ASP A 156 -24.92 13.94 0.38
C ASP A 156 -24.51 12.57 -0.15
N CYS A 157 -23.45 11.98 0.39
CA CYS A 157 -23.06 10.64 -0.05
C CYS A 157 -24.13 9.62 0.32
N THR A 158 -24.18 8.54 -0.46
CA THR A 158 -25.17 7.51 -0.22
C THR A 158 -24.58 6.42 0.68
N GLN A 159 -25.48 5.60 1.25
CA GLN A 159 -25.02 4.44 1.99
C GLN A 159 -24.24 3.49 1.08
N ASP A 160 -24.67 3.34 -0.16
CA ASP A 160 -23.97 2.46 -1.08
C ASP A 160 -22.57 3.00 -1.39
N GLN A 161 -22.43 4.32 -1.50
CA GLN A 161 -21.12 4.91 -1.74
C GLN A 161 -20.17 4.63 -0.58
N VAL A 162 -20.67 4.79 0.65
CA VAL A 162 -19.84 4.52 1.83
C VAL A 162 -19.47 3.05 1.89
N TYR A 163 -20.45 2.17 1.66
CA TYR A 163 -20.21 0.73 1.74
C TYR A 163 -19.19 0.28 0.70
N ARG A 164 -19.40 0.64 -0.58
CA ARG A 164 -18.51 0.14 -1.63
C ARG A 164 -17.09 0.66 -1.48
N ASN A 165 -16.89 1.81 -0.85
CA ASN A 165 -15.55 2.35 -0.70
C ASN A 165 -14.99 2.16 0.70
N THR A 166 -15.63 1.34 1.52
CA THR A 166 -15.08 0.98 2.83
C THR A 166 -14.97 -0.52 3.02
N THR A 167 -16.09 -1.25 2.97
CA THR A 167 -16.11 -2.63 3.43
C THR A 167 -16.24 -3.66 2.31
N GLN A 168 -16.86 -3.30 1.18
CA GLN A 168 -16.90 -4.22 0.04
C GLN A 168 -15.53 -4.70 -0.38
N PRO A 169 -14.50 -3.86 -0.57
CA PRO A 169 -13.18 -4.37 -0.94
C PRO A 169 -12.59 -5.34 0.07
N LEU A 170 -13.15 -5.40 1.28
CA LEU A 170 -12.64 -6.32 2.30
C LEU A 170 -13.15 -7.74 2.08
N LEU A 171 -14.32 -7.89 1.45
CA LEU A 171 -15.00 -9.18 1.45
C LEU A 171 -14.11 -10.30 0.90
N ASP A 172 -13.34 -10.00 -0.14
CA ASP A 172 -12.43 -10.99 -0.70
C ASP A 172 -11.52 -11.57 0.38
N SER A 173 -10.84 -10.69 1.12
CA SER A 173 -10.05 -11.12 2.27
C SER A 173 -10.83 -12.10 3.15
N VAL A 174 -12.06 -11.72 3.49
CA VAL A 174 -12.85 -12.52 4.43
C VAL A 174 -13.15 -13.89 3.82
N LEU A 175 -13.40 -13.92 2.51
CA LEU A 175 -13.67 -15.21 1.88
C LEU A 175 -12.39 -15.99 1.63
N ASP A 176 -11.25 -15.33 1.68
CA ASP A 176 -9.94 -15.98 1.61
C ASP A 176 -9.45 -16.41 2.98
N GLY A 177 -10.17 -16.07 4.05
CA GLY A 177 -9.87 -16.54 5.38
C GLY A 177 -9.24 -15.54 6.31
N TYR A 178 -9.09 -14.29 5.89
CA TYR A 178 -8.49 -13.27 6.73
C TYR A 178 -9.57 -12.43 7.40
N ASN A 179 -9.31 -12.02 8.63
CA ASN A 179 -10.22 -11.15 9.36
C ASN A 179 -10.23 -9.77 8.73
N ALA A 180 -11.34 -9.05 8.92
CA ALA A 180 -11.43 -7.67 8.48
C ALA A 180 -12.24 -6.89 9.51
N THR A 181 -11.97 -5.59 9.62
CA THR A 181 -12.58 -4.78 10.66
C THR A 181 -12.89 -3.38 10.15
N VAL A 182 -14.08 -2.88 10.50
CA VAL A 182 -14.55 -1.57 10.11
C VAL A 182 -15.10 -0.86 11.34
N PHE A 183 -14.55 0.31 11.66
CA PHE A 183 -14.99 1.11 12.80
C PHE A 183 -15.86 2.27 12.34
N ALA A 184 -16.75 2.72 13.23
CA ALA A 184 -17.38 4.03 13.12
C ALA A 184 -16.97 4.83 14.35
N TYR A 185 -16.07 5.79 14.15
CA TYR A 185 -15.57 6.64 15.21
C TYR A 185 -16.17 8.03 15.08
N GLY A 186 -16.31 8.73 16.19
CA GLY A 186 -16.72 10.11 16.14
C GLY A 186 -17.59 10.50 17.31
N ALA A 187 -17.89 11.79 17.38
CA ALA A 187 -18.71 12.32 18.46
C ALA A 187 -20.16 11.91 18.30
N THR A 188 -20.89 11.89 19.42
CA THR A 188 -22.30 11.55 19.40
C THR A 188 -23.07 12.52 18.51
N GLY A 189 -23.96 11.97 17.69
CA GLY A 189 -24.76 12.76 16.78
C GLY A 189 -24.15 12.98 15.41
N CYS A 190 -23.02 12.35 15.11
CA CYS A 190 -22.33 12.56 13.84
C CYS A 190 -22.57 11.44 12.84
N GLY A 191 -23.42 10.47 13.16
CA GLY A 191 -23.81 9.46 12.20
C GLY A 191 -23.14 8.11 12.30
N LYS A 192 -22.60 7.75 13.48
CA LYS A 192 -21.99 6.43 13.63
C LYS A 192 -23.02 5.32 13.43
N THR A 193 -24.11 5.37 14.19
CA THR A 193 -25.15 4.34 14.09
C THR A 193 -25.82 4.36 12.73
N HIS A 194 -26.02 5.56 12.17
CA HIS A 194 -26.59 5.67 10.83
C HIS A 194 -25.69 4.98 9.81
N THR A 195 -24.38 5.09 9.97
CA THR A 195 -23.46 4.49 9.01
C THR A 195 -23.39 2.98 9.19
N ILE A 196 -23.31 2.51 10.43
CA ILE A 196 -23.18 1.08 10.67
C ILE A 196 -24.53 0.38 10.50
N SER A 197 -25.53 0.82 11.24
CA SER A 197 -26.85 0.19 11.22
C SER A 197 -27.75 0.79 10.14
N GLY A 198 -27.90 2.12 10.15
CA GLY A 198 -28.82 2.73 9.24
C GLY A 198 -30.26 2.52 9.69
N THR A 199 -31.17 2.71 8.74
CA THR A 199 -32.60 2.57 8.94
C THR A 199 -33.15 1.54 7.98
N PRO A 200 -34.35 1.01 8.23
CA PRO A 200 -34.95 0.10 7.24
C PRO A 200 -35.11 0.73 5.87
N GLU A 201 -35.29 2.05 5.82
CA GLU A 201 -35.42 2.75 4.53
C GLU A 201 -34.06 3.04 3.90
N ASP A 202 -33.03 3.22 4.72
CA ASP A 202 -31.69 3.57 4.25
C ASP A 202 -30.68 2.73 4.99
N PRO A 203 -30.55 1.45 4.64
CA PRO A 203 -29.73 0.54 5.44
C PRO A 203 -28.23 0.83 5.33
N GLY A 204 -27.51 0.50 6.40
CA GLY A 204 -26.11 0.83 6.53
C GLY A 204 -25.18 -0.31 6.16
N VAL A 205 -23.98 -0.27 6.76
CA VAL A 205 -22.89 -1.15 6.33
C VAL A 205 -23.18 -2.61 6.66
N ILE A 206 -23.68 -2.89 7.87
CA ILE A 206 -23.98 -4.27 8.26
C ILE A 206 -24.89 -4.92 7.22
N PHE A 207 -26.02 -4.26 6.95
CA PHE A 207 -27.03 -4.75 6.03
C PHE A 207 -26.45 -5.07 4.66
N LEU A 208 -25.76 -4.08 4.05
CA LEU A 208 -25.25 -4.25 2.70
C LEU A 208 -24.17 -5.31 2.64
N THR A 209 -23.33 -5.38 3.68
CA THR A 209 -22.34 -6.44 3.78
C THR A 209 -23.02 -7.81 3.75
N MET A 210 -24.07 -7.99 4.56
CA MET A 210 -24.78 -9.26 4.58
C MET A 210 -25.42 -9.56 3.23
N LYS A 211 -25.98 -8.55 2.58
CA LYS A 211 -26.60 -8.74 1.27
C LYS A 211 -25.59 -9.27 0.26
N GLU A 212 -24.45 -8.58 0.13
CA GLU A 212 -23.43 -9.03 -0.81
C GLU A 212 -22.89 -10.41 -0.43
N LEU A 213 -22.73 -10.68 0.86
CA LEU A 213 -22.20 -11.99 1.25
C LEU A 213 -23.19 -13.10 0.90
N TYR A 214 -24.48 -12.88 1.11
CA TYR A 214 -25.47 -13.88 0.73
C TYR A 214 -25.39 -14.16 -0.76
N ASN A 215 -25.30 -13.10 -1.57
CA ASN A 215 -25.16 -13.28 -3.01
C ASN A 215 -23.91 -14.09 -3.36
N ARG A 216 -22.77 -13.72 -2.76
CA ARG A 216 -21.52 -14.41 -3.05
C ARG A 216 -21.62 -15.89 -2.68
N ILE A 217 -22.15 -16.20 -1.50
CA ILE A 217 -22.37 -17.58 -1.08
C ILE A 217 -23.14 -18.34 -2.14
N GLU A 218 -24.26 -17.75 -2.59
CA GLU A 218 -25.09 -18.32 -3.67
C GLU A 218 -24.38 -18.49 -5.00
N GLU A 219 -23.37 -17.68 -5.31
CA GLU A 219 -22.78 -17.90 -6.63
C GLU A 219 -21.79 -19.05 -6.59
N LEU A 220 -21.03 -19.17 -5.50
CA LEU A 220 -20.02 -20.20 -5.35
C LEU A 220 -20.55 -21.45 -4.66
N LYS A 221 -21.85 -21.73 -4.75
CA LYS A 221 -22.41 -22.89 -4.06
C LYS A 221 -21.97 -24.21 -4.70
N ASP A 222 -21.60 -24.19 -5.98
CA ASP A 222 -21.22 -25.43 -6.65
C ASP A 222 -19.90 -25.98 -6.13
N THR A 223 -19.02 -25.12 -5.61
CA THR A 223 -17.67 -25.53 -5.26
C THR A 223 -17.32 -25.32 -3.79
N LYS A 224 -18.13 -24.60 -3.02
CA LYS A 224 -17.79 -24.27 -1.65
C LYS A 224 -18.95 -24.59 -0.71
N ILE A 225 -18.60 -25.14 0.45
CA ILE A 225 -19.50 -25.24 1.59
C ILE A 225 -19.22 -24.01 2.46
N ILE A 226 -20.21 -23.15 2.64
CA ILE A 226 -20.01 -21.92 3.40
C ILE A 226 -21.06 -21.81 4.49
N ASP A 227 -20.59 -21.71 5.73
CA ASP A 227 -21.42 -21.37 6.88
C ASP A 227 -21.20 -19.90 7.21
N ILE A 228 -22.31 -19.17 7.29
CA ILE A 228 -22.29 -17.74 7.59
C ILE A 228 -23.13 -17.51 8.84
N SER A 229 -22.54 -16.85 9.84
CA SER A 229 -23.30 -16.58 11.04
C SER A 229 -22.90 -15.23 11.60
N LEU A 230 -23.75 -14.65 12.43
CA LEU A 230 -23.42 -13.35 13.00
C LEU A 230 -23.82 -13.30 14.47
N SER A 231 -23.13 -12.42 15.18
CA SER A 231 -23.42 -12.10 16.56
C SER A 231 -23.27 -10.61 16.74
N TYR A 232 -23.89 -10.07 17.78
CA TYR A 232 -23.91 -8.62 17.97
C TYR A 232 -23.92 -8.36 19.47
N LEU A 233 -22.81 -7.85 19.98
CA LEU A 233 -22.63 -7.68 21.41
C LEU A 233 -22.43 -6.20 21.74
N GLU A 234 -22.52 -5.91 23.04
CA GLU A 234 -22.26 -4.58 23.56
C GLU A 234 -21.14 -4.66 24.58
N ILE A 235 -20.22 -3.71 24.49
CA ILE A 235 -19.26 -3.43 25.55
C ILE A 235 -19.63 -2.08 26.14
N TYR A 236 -20.07 -2.09 27.39
CA TYR A 236 -20.40 -0.87 28.12
C TYR A 236 -19.77 -0.97 29.50
N ASN A 237 -18.93 -0.01 29.85
CA ASN A 237 -18.26 0.03 31.15
C ASN A 237 -17.48 -1.26 31.38
N GLU A 238 -16.84 -1.76 30.31
CA GLU A 238 -16.06 -2.99 30.31
C GLU A 238 -16.88 -4.22 30.67
N THR A 239 -18.20 -4.15 30.51
CA THR A 239 -19.08 -5.30 30.66
C THR A 239 -19.64 -5.69 29.31
N ILE A 240 -19.75 -6.99 29.07
CA ILE A 240 -20.21 -7.53 27.79
C ILE A 240 -21.65 -8.00 27.94
N ARG A 241 -22.49 -7.60 27.00
CA ARG A 241 -23.89 -8.00 26.96
C ARG A 241 -24.21 -8.53 25.57
N ASP A 242 -25.06 -9.55 25.50
CA ASP A 242 -25.49 -10.12 24.22
C ASP A 242 -26.70 -9.34 23.74
N LEU A 243 -26.50 -8.43 22.78
CA LEU A 243 -27.59 -7.60 22.27
C LEU A 243 -28.64 -8.41 21.55
N LEU A 244 -28.39 -9.69 21.26
CA LEU A 244 -29.36 -10.56 20.61
C LEU A 244 -29.87 -11.65 21.54
N ASN A 245 -29.31 -11.74 22.76
CA ASN A 245 -29.81 -12.65 23.79
C ASN A 245 -29.61 -11.99 25.13
N PRO A 246 -30.41 -10.94 25.43
CA PRO A 246 -30.11 -10.08 26.58
C PRO A 246 -30.23 -10.74 27.95
N MET A 247 -30.61 -12.02 27.98
CA MET A 247 -30.86 -12.71 29.24
C MET A 247 -29.65 -13.49 29.76
N THR A 248 -28.57 -13.56 29.00
CA THR A 248 -27.37 -14.24 29.46
C THR A 248 -26.57 -13.29 30.35
N GLN A 249 -26.18 -13.77 31.52
CA GLN A 249 -25.52 -12.93 32.50
C GLN A 249 -24.16 -12.46 31.99
N CYS A 250 -23.84 -11.20 32.27
CA CYS A 250 -22.60 -10.60 31.78
C CYS A 250 -21.38 -11.41 32.19
N LYS A 251 -21.40 -11.98 33.39
CA LYS A 251 -20.28 -12.77 33.87
C LYS A 251 -20.11 -14.08 33.10
N ASN A 252 -21.11 -14.51 32.35
CA ASN A 252 -21.03 -15.71 31.54
C ASN A 252 -20.49 -15.44 30.13
N LEU A 253 -20.20 -14.18 29.80
CA LEU A 253 -19.71 -13.78 28.49
C LEU A 253 -18.25 -13.38 28.66
N VAL A 254 -17.35 -14.35 28.50
CA VAL A 254 -15.93 -14.17 28.77
C VAL A 254 -15.17 -14.27 27.45
N ILE A 255 -14.21 -13.37 27.26
CA ILE A 255 -13.36 -13.41 26.07
C ILE A 255 -12.36 -14.55 26.23
N ARG A 256 -12.40 -15.50 25.31
CA ARG A 256 -11.52 -16.66 25.30
C ARG A 256 -10.66 -16.61 24.05
N GLU A 257 -9.34 -16.67 24.21
CA GLU A 257 -8.48 -16.96 23.08
C GLU A 257 -8.40 -18.47 22.93
N ASP A 258 -9.03 -19.01 21.90
CA ASP A 258 -9.15 -20.45 21.77
C ASP A 258 -7.95 -21.06 21.03
N ALA A 259 -8.19 -22.15 20.31
CA ALA A 259 -7.12 -22.82 19.58
C ALA A 259 -6.68 -21.97 18.42
N ASN A 260 -5.58 -22.35 17.78
CA ASN A 260 -5.17 -21.58 16.61
C ASN A 260 -4.85 -20.14 17.01
N ASN A 261 -5.50 -19.17 16.37
CA ASN A 261 -5.43 -17.79 16.81
C ASN A 261 -6.81 -17.16 16.61
N LYS A 262 -7.80 -17.69 17.34
CA LYS A 262 -9.18 -17.27 17.20
C LYS A 262 -9.67 -16.76 18.56
N ILE A 263 -10.13 -15.52 18.57
CA ILE A 263 -10.76 -14.94 19.75
C ILE A 263 -12.26 -15.22 19.66
N SER A 264 -12.85 -15.61 20.78
CA SER A 264 -14.26 -15.95 20.85
C SER A 264 -14.82 -15.43 22.17
N VAL A 265 -16.14 -15.51 22.32
CA VAL A 265 -16.81 -15.05 23.53
C VAL A 265 -17.71 -16.17 24.01
N SER A 266 -17.48 -16.64 25.23
CA SER A 266 -18.26 -17.74 25.78
C SER A 266 -19.74 -17.40 25.81
N ASN A 267 -20.56 -18.36 25.39
CA ASN A 267 -22.02 -18.28 25.47
C ASN A 267 -22.61 -17.13 24.65
N LEU A 268 -21.84 -16.55 23.73
CA LEU A 268 -22.39 -15.53 22.85
C LEU A 268 -23.22 -16.20 21.76
N SER A 269 -24.46 -15.75 21.61
CA SER A 269 -25.37 -16.38 20.65
C SER A 269 -24.94 -16.04 19.22
N ARG A 270 -25.20 -16.99 18.32
CA ARG A 270 -24.93 -16.79 16.91
C ARG A 270 -26.16 -17.16 16.09
N HIS A 271 -26.40 -16.37 15.05
CA HIS A 271 -27.67 -16.39 14.35
C HIS A 271 -27.43 -16.53 12.86
N ARG A 272 -28.20 -17.41 12.22
CA ARG A 272 -28.13 -17.56 10.77
C ARG A 272 -29.40 -16.99 10.13
N PRO A 273 -29.52 -15.68 9.97
CA PRO A 273 -30.70 -15.12 9.31
C PRO A 273 -30.88 -15.74 7.93
N ASN A 274 -32.09 -16.26 7.69
CA ASN A 274 -32.40 -16.81 6.38
C ASN A 274 -32.56 -15.74 5.32
N SER A 275 -32.70 -14.48 5.70
CA SER A 275 -32.88 -13.41 4.73
C SER A 275 -32.28 -12.11 5.22
N VAL A 276 -32.23 -11.17 4.28
CA VAL A 276 -31.77 -9.80 4.53
C VAL A 276 -32.77 -9.02 5.38
N GLU A 277 -34.07 -9.16 5.11
CA GLU A 277 -35.08 -8.50 5.94
C GLU A 277 -34.86 -8.82 7.42
N GLU A 278 -34.57 -10.09 7.72
CA GLU A 278 -34.34 -10.49 9.11
C GLU A 278 -32.98 -10.00 9.61
N VAL A 279 -31.98 -9.88 8.74
CA VAL A 279 -30.74 -9.22 9.14
C VAL A 279 -31.04 -7.84 9.71
N MET A 280 -31.88 -7.08 9.00
CA MET A 280 -32.21 -5.73 9.46
C MET A 280 -33.04 -5.78 10.74
N GLN A 281 -34.01 -6.69 10.82
CA GLN A 281 -34.78 -6.86 12.05
C GLN A 281 -33.86 -7.11 13.24
N LEU A 282 -32.84 -7.93 13.03
CA LEU A 282 -31.96 -8.33 14.11
C LEU A 282 -31.07 -7.16 14.53
N ILE A 283 -30.61 -6.38 13.55
CA ILE A 283 -29.91 -5.13 13.83
C ILE A 283 -30.76 -4.23 14.73
N LEU A 284 -32.03 -4.04 14.34
CA LEU A 284 -32.88 -3.06 15.02
C LEU A 284 -33.18 -3.49 16.45
N GLU A 285 -33.59 -4.76 16.62
CA GLU A 285 -33.82 -5.30 17.95
C GLU A 285 -32.57 -5.18 18.82
N GLY A 286 -31.42 -5.59 18.29
CA GLY A 286 -30.18 -5.50 19.05
C GLY A 286 -29.86 -4.09 19.49
N ASN A 287 -30.08 -3.11 18.60
CA ASN A 287 -29.86 -1.72 18.99
C ASN A 287 -30.84 -1.29 20.08
N LYS A 288 -32.09 -1.76 19.99
CA LYS A 288 -33.05 -1.49 21.05
C LYS A 288 -32.60 -2.06 22.39
N ASN A 289 -31.75 -3.09 22.38
CA ASN A 289 -31.26 -3.68 23.61
C ASN A 289 -30.03 -2.97 24.19
N ARG A 290 -29.48 -1.96 23.52
CA ARG A 290 -28.27 -1.30 24.02
C ARG A 290 -28.58 -0.50 25.29
N THR A 291 -27.54 -0.29 26.10
CA THR A 291 -27.71 0.40 27.36
C THR A 291 -28.26 1.80 27.16
N CYS A 292 -29.32 2.12 27.90
CA CYS A 292 -29.96 3.42 27.86
C CYS A 292 -29.01 4.51 28.33
N SER A 293 -29.25 5.73 27.85
CA SER A 293 -28.56 6.86 28.44
C SER A 293 -29.05 7.03 29.87
N PRO A 294 -28.18 7.44 30.80
CA PRO A 294 -28.68 7.84 32.12
C PRO A 294 -29.69 8.96 32.00
N THR A 295 -29.44 9.91 31.10
CA THR A 295 -30.42 10.92 30.71
C THR A 295 -31.41 10.32 29.72
N GLU A 296 -32.23 11.18 29.10
CA GLU A 296 -33.67 10.94 28.85
C GLU A 296 -34.05 9.46 28.72
N ALA A 297 -34.58 9.04 27.58
CA ALA A 297 -35.06 7.68 27.38
C ALA A 297 -35.22 7.47 25.88
N ASN A 298 -35.23 6.21 25.47
CA ASN A 298 -35.04 5.83 24.07
C ASN A 298 -33.80 6.56 23.55
N ALA A 299 -32.74 6.49 24.34
CA ALA A 299 -31.47 7.16 24.04
C ALA A 299 -30.37 6.18 24.41
N THR A 300 -29.82 5.51 23.40
CA THR A 300 -28.63 4.69 23.63
C THR A 300 -27.55 5.54 24.27
N SER A 301 -26.99 5.05 25.38
CA SER A 301 -25.90 5.75 26.04
C SER A 301 -24.77 6.02 25.04
N SER A 302 -24.16 7.21 25.14
CA SER A 302 -23.05 7.53 24.26
C SER A 302 -21.84 6.68 24.56
N ARG A 303 -21.95 5.86 25.61
CA ARG A 303 -20.82 5.07 26.06
C ARG A 303 -20.95 3.60 25.67
N SER A 304 -21.91 3.28 24.81
CA SER A 304 -22.15 1.93 24.36
C SER A 304 -21.33 1.60 23.11
N HIS A 305 -20.49 0.57 23.20
CA HIS A 305 -19.86 -0.04 22.03
C HIS A 305 -20.75 -1.16 21.52
N ALA A 306 -21.05 -1.15 20.22
CA ALA A 306 -21.82 -2.22 19.59
C ALA A 306 -20.94 -2.90 18.56
N VAL A 307 -20.68 -4.18 18.75
CA VAL A 307 -19.77 -4.95 17.91
C VAL A 307 -20.58 -6.00 17.18
N LEU A 308 -20.76 -5.83 15.87
CA LEU A 308 -21.28 -6.89 15.02
C LEU A 308 -20.12 -7.72 14.52
N GLN A 309 -20.29 -9.04 14.52
CA GLN A 309 -19.27 -9.94 14.02
C GLN A 309 -19.92 -10.96 13.11
N ILE A 310 -19.33 -11.12 11.93
CA ILE A 310 -19.80 -12.03 10.89
C ILE A 310 -18.73 -13.09 10.70
N ASN A 311 -19.08 -14.33 11.00
CA ASN A 311 -18.17 -15.46 10.91
C ASN A 311 -18.43 -16.20 9.60
N VAL A 312 -17.39 -16.32 8.79
CA VAL A 312 -17.43 -16.93 7.47
C VAL A 312 -16.53 -18.15 7.51
N ILE A 313 -17.12 -19.34 7.33
CA ILE A 313 -16.37 -20.58 7.32
C ILE A 313 -16.63 -21.25 5.97
N GLN A 314 -15.57 -21.70 5.29
CA GLN A 314 -15.82 -22.37 4.03
C GLN A 314 -14.84 -23.51 3.81
N LYS A 315 -15.25 -24.43 2.94
CA LYS A 315 -14.58 -25.71 2.79
C LYS A 315 -14.82 -26.18 1.36
N ASP A 316 -13.83 -26.89 0.79
CA ASP A 316 -13.96 -27.31 -0.60
C ASP A 316 -15.03 -28.40 -0.73
N ARG A 317 -15.97 -28.18 -1.67
CA ARG A 317 -17.08 -29.10 -1.88
C ARG A 317 -16.77 -30.17 -2.91
N THR A 318 -15.78 -29.95 -3.78
CA THR A 318 -15.46 -30.88 -4.85
C THR A 318 -14.25 -31.74 -4.56
N GLY A 319 -13.58 -31.53 -3.43
CA GLY A 319 -12.49 -32.39 -3.00
C GLY A 319 -13.01 -33.64 -2.32
N ASP A 320 -12.18 -34.21 -1.47
CA ASP A 320 -12.57 -35.33 -0.62
C ASP A 320 -12.73 -34.85 0.81
N ILE A 321 -13.24 -35.75 1.67
CA ILE A 321 -13.62 -35.40 3.03
C ILE A 321 -12.37 -34.97 3.79
N THR A 322 -12.20 -33.68 3.99
CA THR A 322 -11.01 -33.14 4.63
C THR A 322 -11.40 -32.27 5.82
N GLU A 323 -10.39 -31.88 6.59
CA GLU A 323 -10.54 -30.93 7.68
C GLU A 323 -9.97 -29.56 7.33
N GLU A 324 -9.49 -29.38 6.10
CA GLU A 324 -9.09 -28.06 5.65
C GLU A 324 -10.31 -27.17 5.48
N HIS A 325 -10.27 -26.01 6.10
CA HIS A 325 -11.32 -25.03 5.99
C HIS A 325 -10.69 -23.67 6.11
N THR A 326 -11.48 -22.63 5.88
CA THR A 326 -11.04 -21.29 6.18
C THR A 326 -12.11 -20.69 7.09
N PHE A 327 -11.69 -19.81 7.99
CA PHE A 327 -12.62 -19.29 8.97
C PHE A 327 -12.16 -17.89 9.37
N ALA A 328 -12.94 -16.90 8.95
CA ALA A 328 -12.58 -15.50 9.08
C ALA A 328 -13.70 -14.73 9.77
N THR A 329 -13.32 -13.65 10.44
CA THR A 329 -14.26 -12.82 11.17
C THR A 329 -14.22 -11.40 10.61
N LEU A 330 -15.38 -10.91 10.18
CA LEU A 330 -15.57 -9.53 9.77
C LEU A 330 -16.27 -8.80 10.91
N SER A 331 -15.56 -7.89 11.55
CA SER A 331 -16.08 -7.12 12.67
C SER A 331 -16.46 -5.73 12.18
N ILE A 332 -17.70 -5.33 12.46
CA ILE A 332 -18.23 -4.01 12.12
C ILE A 332 -18.69 -3.38 13.42
N ILE A 333 -18.02 -2.31 13.84
CA ILE A 333 -18.19 -1.77 15.18
C ILE A 333 -18.75 -0.35 15.09
N ASP A 334 -19.86 -0.14 15.79
CA ASP A 334 -20.40 1.19 16.08
C ASP A 334 -19.85 1.56 17.45
N LEU A 335 -18.80 2.38 17.46
CA LEU A 335 -18.08 2.66 18.68
C LEU A 335 -18.85 3.60 19.60
N ALA A 336 -18.41 3.64 20.85
CA ALA A 336 -18.91 4.63 21.78
C ALA A 336 -18.53 6.04 21.31
N GLY A 337 -19.27 7.02 21.81
CA GLY A 337 -19.03 8.40 21.39
C GLY A 337 -17.68 8.91 21.86
N SER A 338 -17.00 9.63 20.97
CA SER A 338 -15.63 10.07 21.21
C SER A 338 -15.52 11.34 22.04
N GLU A 339 -16.63 12.07 22.24
CA GLU A 339 -16.54 13.37 22.90
C GLU A 339 -16.18 13.22 24.38
N ARG A 340 -15.49 14.23 24.89
CA ARG A 340 -15.11 14.27 26.30
C ARG A 340 -16.35 14.38 27.19
N GLY A 354 -15.02 6.71 36.95
CA GLY A 354 -14.35 5.42 36.91
C GLY A 354 -13.56 5.20 35.64
N ALA A 355 -12.50 4.40 35.73
CA ALA A 355 -11.63 4.15 34.58
C ALA A 355 -12.31 3.29 33.52
N ASN A 356 -13.32 2.51 33.90
CA ASN A 356 -13.86 1.50 32.98
C ASN A 356 -14.89 2.05 32.01
N ILE A 357 -15.39 3.28 32.22
CA ILE A 357 -16.33 3.91 31.29
C ILE A 357 -15.81 3.90 29.86
N ASN A 358 -14.64 4.49 29.63
CA ASN A 358 -14.10 4.58 28.28
C ASN A 358 -12.70 4.00 28.23
N LYS A 359 -12.48 2.93 29.00
CA LYS A 359 -11.26 2.14 28.88
C LYS A 359 -11.10 1.59 27.47
N SER A 360 -12.18 1.05 26.90
CA SER A 360 -12.11 0.40 25.60
C SER A 360 -11.78 1.41 24.49
N LEU A 361 -12.40 2.59 24.53
CA LEU A 361 -12.15 3.60 23.50
C LEU A 361 -10.70 4.08 23.55
N LEU A 362 -10.23 4.43 24.76
CA LEU A 362 -8.85 4.87 24.93
C LEU A 362 -7.88 3.77 24.51
N ALA A 363 -8.19 2.51 24.81
CA ALA A 363 -7.28 1.43 24.48
C ALA A 363 -7.24 1.19 22.97
N LEU A 364 -8.39 1.31 22.29
CA LEU A 364 -8.38 1.28 20.83
C LEU A 364 -7.45 2.36 20.29
N GLY A 365 -7.56 3.57 20.83
CA GLY A 365 -6.66 4.63 20.41
C GLY A 365 -5.20 4.29 20.61
N ASN A 366 -4.86 3.77 21.80
CA ASN A 366 -3.47 3.42 22.08
CA ASN A 366 -3.46 3.43 22.08
C ASN A 366 -2.97 2.34 21.14
N CYS A 367 -3.80 1.34 20.85
CA CYS A 367 -3.39 0.26 19.97
C CYS A 367 -3.19 0.77 18.54
N ILE A 368 -4.02 1.71 18.10
CA ILE A 368 -3.83 2.31 16.78
C ILE A 368 -2.50 3.06 16.74
N ASN A 369 -2.22 3.83 17.80
CA ASN A 369 -0.91 4.46 17.95
C ASN A 369 0.21 3.45 17.73
N ALA A 370 0.14 2.34 18.47
CA ALA A 370 1.20 1.32 18.39
C ALA A 370 1.31 0.75 16.99
N LEU A 371 0.18 0.51 16.33
CA LEU A 371 0.22 -0.07 14.99
C LEU A 371 0.79 0.92 13.98
N CYS A 372 0.61 2.22 14.19
CA CYS A 372 1.14 3.21 13.26
C CYS A 372 2.62 3.50 13.50
N ASP A 373 3.18 3.04 14.61
CA ASP A 373 4.57 3.28 14.96
C ASP A 373 5.36 2.01 14.70
N PRO A 374 6.30 2.01 13.74
CA PRO A 374 7.03 0.77 13.44
C PRO A 374 7.83 0.21 14.60
N ARG A 375 8.26 1.04 15.55
CA ARG A 375 9.12 0.57 16.62
C ARG A 375 8.37 -0.14 17.73
N ARG A 376 7.05 0.07 17.81
CA ARG A 376 6.21 -0.55 18.83
C ARG A 376 5.01 -1.27 18.22
N ARG A 377 5.10 -1.59 16.92
CA ARG A 377 4.03 -2.33 16.25
C ARG A 377 3.98 -3.79 16.69
N ASN A 378 5.08 -4.31 17.23
CA ASN A 378 5.12 -5.66 17.79
C ASN A 378 4.80 -5.68 19.28
N HIS A 379 4.42 -4.55 19.86
CA HIS A 379 4.12 -4.44 21.27
C HIS A 379 2.74 -3.81 21.48
N VAL A 380 1.77 -4.25 20.69
CA VAL A 380 0.44 -3.63 20.70
C VAL A 380 -0.29 -4.04 21.97
N PRO A 381 -0.78 -3.10 22.76
CA PRO A 381 -1.43 -3.41 24.05
C PRO A 381 -2.90 -3.81 23.90
N TYR A 382 -3.16 -4.87 23.12
CA TYR A 382 -4.52 -5.39 22.99
C TYR A 382 -5.13 -5.74 24.34
N ARG A 383 -4.29 -6.15 25.29
CA ARG A 383 -4.75 -6.66 26.57
CA ARG A 383 -4.74 -6.66 26.58
C ARG A 383 -5.37 -5.60 27.47
N ASP A 384 -5.31 -4.32 27.09
CA ASP A 384 -5.67 -3.25 28.00
C ASP A 384 -7.17 -2.96 28.08
N SER A 385 -8.02 -3.66 27.35
CA SER A 385 -9.46 -3.41 27.45
C SER A 385 -10.22 -4.58 26.84
N LYS A 386 -11.53 -4.61 27.11
CA LYS A 386 -12.39 -5.61 26.53
C LYS A 386 -12.40 -5.51 25.00
N LEU A 387 -12.57 -4.30 24.47
CA LEU A 387 -12.70 -4.12 23.03
C LEU A 387 -11.44 -4.59 22.31
N THR A 388 -10.28 -4.13 22.75
CA THR A 388 -9.04 -4.48 22.07
C THR A 388 -8.67 -5.95 22.28
N ARG A 389 -9.01 -6.53 23.44
CA ARG A 389 -8.80 -7.95 23.63
C ARG A 389 -9.65 -8.75 22.66
N LEU A 390 -10.93 -8.37 22.52
CA LEU A 390 -11.81 -9.03 21.57
C LEU A 390 -11.27 -8.97 20.15
N LEU A 391 -10.53 -7.90 19.82
CA LEU A 391 -10.00 -7.68 18.48
C LEU A 391 -8.49 -7.90 18.41
N LYS A 392 -7.96 -8.83 19.21
CA LYS A 392 -6.52 -9.05 19.26
C LYS A 392 -5.98 -9.46 17.89
N PHE A 393 -6.72 -10.27 17.16
CA PHE A 393 -6.36 -10.70 15.82
C PHE A 393 -7.21 -10.01 14.76
N SER A 394 -7.71 -8.80 15.07
CA SER A 394 -8.61 -8.07 14.18
C SER A 394 -8.24 -6.60 14.12
N LEU A 395 -6.95 -6.29 14.12
CA LEU A 395 -6.49 -4.92 13.89
C LEU A 395 -5.21 -4.85 13.06
N GLY A 396 -4.19 -5.57 13.50
CA GLY A 396 -2.87 -5.43 12.90
C GLY A 396 -2.86 -5.79 11.42
N GLY A 397 -1.81 -5.31 10.76
CA GLY A 397 -1.52 -5.71 9.39
C GLY A 397 -1.50 -7.21 9.26
N ASN A 398 -2.57 -7.74 8.65
CA ASN A 398 -3.00 -9.13 8.68
C ASN A 398 -4.51 -9.08 8.56
N CYS A 399 -5.10 -8.18 9.34
CA CYS A 399 -6.51 -7.85 9.28
C CYS A 399 -6.66 -6.51 8.59
N LYS A 400 -7.36 -6.48 7.46
CA LYS A 400 -7.65 -5.22 6.80
C LYS A 400 -8.58 -4.39 7.68
N THR A 401 -8.09 -3.23 8.11
CA THR A 401 -8.78 -2.39 9.08
C THR A 401 -9.07 -1.05 8.44
N VAL A 402 -10.35 -0.67 8.41
CA VAL A 402 -10.78 0.63 7.93
C VAL A 402 -11.60 1.30 9.03
N MET A 403 -11.23 2.54 9.35
CA MET A 403 -11.97 3.36 10.31
C MET A 403 -12.69 4.46 9.58
N ILE A 404 -14.01 4.55 9.77
CA ILE A 404 -14.83 5.62 9.24
C ILE A 404 -14.99 6.66 10.34
N VAL A 405 -14.29 7.77 10.18
CA VAL A 405 -14.44 8.91 11.07
C VAL A 405 -15.66 9.72 10.66
N CYS A 406 -16.54 10.00 11.61
CA CYS A 406 -17.80 10.68 11.38
C CYS A 406 -17.78 12.02 12.09
N VAL A 407 -17.93 13.11 11.32
CA VAL A 407 -17.81 14.46 11.85
C VAL A 407 -19.03 15.27 11.44
N SER A 408 -19.28 16.33 12.20
CA SER A 408 -20.35 17.29 11.99
C SER A 408 -19.84 18.48 11.17
N PRO A 409 -20.59 18.95 10.17
CA PRO A 409 -20.17 20.16 9.46
C PRO A 409 -20.47 21.43 10.24
N SER A 410 -21.33 21.37 11.25
CA SER A 410 -21.77 22.56 11.95
C SER A 410 -20.62 23.22 12.68
N SER A 411 -20.48 24.53 12.47
CA SER A 411 -19.47 25.30 13.21
C SER A 411 -19.67 25.19 14.71
N GLN A 412 -20.91 24.97 15.15
CA GLN A 412 -21.18 24.77 16.58
C GLN A 412 -20.32 23.66 17.15
N HIS A 413 -19.98 22.65 16.34
CA HIS A 413 -19.17 21.53 16.76
C HIS A 413 -17.71 21.68 16.36
N TYR A 414 -17.22 22.91 16.26
CA TYR A 414 -15.82 23.18 15.92
C TYR A 414 -14.91 22.25 16.71
N ASP A 415 -14.80 22.51 18.02
CA ASP A 415 -13.93 21.80 18.93
C ASP A 415 -13.92 20.30 18.67
N GLU A 416 -15.01 19.61 19.02
CA GLU A 416 -15.05 18.16 18.84
C GLU A 416 -14.64 17.75 17.44
N THR A 417 -15.20 18.41 16.42
CA THR A 417 -14.87 18.00 15.06
C THR A 417 -13.37 18.07 14.81
N LEU A 418 -12.74 19.18 15.21
CA LEU A 418 -11.29 19.29 15.07
C LEU A 418 -10.61 18.12 15.78
N ASN A 419 -10.97 17.89 17.05
CA ASN A 419 -10.44 16.74 17.78
C ASN A 419 -10.53 15.50 16.91
N THR A 420 -11.74 15.20 16.43
CA THR A 420 -11.95 13.98 15.69
C THR A 420 -11.03 13.92 14.49
N LEU A 421 -10.94 15.02 13.74
CA LEU A 421 -10.08 15.03 12.56
C LEU A 421 -8.64 14.76 12.96
N LYS A 422 -8.15 15.45 14.00
CA LYS A 422 -6.78 15.21 14.43
C LYS A 422 -6.59 13.76 14.83
N TYR A 423 -7.59 13.18 15.50
CA TYR A 423 -7.53 11.76 15.82
C TYR A 423 -7.31 10.95 14.55
N ALA A 424 -8.17 11.17 13.55
CA ALA A 424 -8.01 10.49 12.27
C ALA A 424 -6.62 10.75 11.71
N ASP A 425 -6.13 11.98 11.84
CA ASP A 425 -4.86 12.34 11.24
C ASP A 425 -3.71 11.55 11.85
N ARG A 426 -3.86 11.11 13.09
CA ARG A 426 -2.79 10.37 13.76
C ARG A 426 -2.94 8.87 13.61
N ALA A 427 -3.89 8.41 12.80
CA ALA A 427 -3.89 7.02 12.36
C ALA A 427 -3.01 6.81 11.14
N LYS A 428 -2.11 7.75 10.87
CA LYS A 428 -1.15 7.66 9.77
C LYS A 428 0.17 7.13 10.30
N GLU A 429 0.83 6.29 9.50
CA GLU A 429 2.07 5.66 9.95
C GLU A 429 3.16 6.70 10.16
N ILE A 430 3.92 6.53 11.24
CA ILE A 430 4.99 7.46 11.57
C ILE A 430 6.14 7.28 10.59
N LYS A 431 6.74 8.40 10.16
CA LYS A 431 7.92 8.36 9.30
CA LYS A 431 7.93 8.35 9.31
C LYS A 431 9.15 8.23 10.20
N THR A 432 9.59 7.00 10.43
CA THR A 432 10.76 6.78 11.26
C THR A 432 12.04 6.93 10.47
N LYS A 433 13.15 7.05 11.20
CA LYS A 433 14.48 7.06 10.63
C LYS A 433 15.20 5.79 11.07
N LEU A 434 16.00 5.22 10.18
CA LEU A 434 16.79 4.03 10.50
C LEU A 434 18.10 4.51 11.13
N ILE A 435 18.02 4.85 12.41
CA ILE A 435 19.19 5.32 13.15
C ILE A 435 20.18 4.18 13.31
N ARG A 436 21.48 4.51 13.28
CA ARG A 436 22.51 3.48 13.32
C ARG A 436 23.53 3.74 14.42
N ASN A 437 23.98 2.64 15.03
CA ASN A 437 24.95 2.62 16.12
C ASN A 437 24.39 3.34 17.35
N SER B 26 5.07 -3.86 -1.93
CA SER B 26 6.30 -3.11 -1.66
C SER B 26 7.22 -3.14 -2.87
N ILE B 27 6.83 -3.90 -3.88
CA ILE B 27 7.51 -3.96 -5.17
C ILE B 27 6.59 -3.33 -6.19
N SER B 28 6.98 -2.15 -6.69
CA SER B 28 6.18 -1.42 -7.67
C SER B 28 6.71 -1.70 -9.07
N VAL B 29 5.79 -1.90 -10.02
CA VAL B 29 6.14 -2.27 -11.38
C VAL B 29 5.64 -1.18 -12.32
N ALA B 30 6.54 -0.68 -13.15
CA ALA B 30 6.21 0.29 -14.18
C ALA B 30 6.60 -0.28 -15.54
N VAL B 31 5.85 0.11 -16.57
CA VAL B 31 6.17 -0.28 -17.94
C VAL B 31 6.53 0.96 -18.73
N ARG B 32 7.57 0.86 -19.57
CA ARG B 32 7.94 1.95 -20.47
C ARG B 32 8.09 1.39 -21.88
N VAL B 33 7.26 1.88 -22.79
CA VAL B 33 7.31 1.50 -24.20
C VAL B 33 8.25 2.45 -24.91
N ARG B 34 9.33 1.92 -25.48
CA ARG B 34 10.26 2.77 -26.22
C ARG B 34 9.62 3.20 -27.53
N PRO B 35 10.00 4.38 -28.05
CA PRO B 35 9.44 4.82 -29.33
C PRO B 35 9.97 3.98 -30.48
N PHE B 36 9.16 3.90 -31.53
CA PHE B 36 9.61 3.29 -32.78
C PHE B 36 10.86 4.01 -33.29
N THR B 37 11.74 3.26 -33.94
CA THR B 37 12.80 3.93 -34.66
C THR B 37 12.24 4.50 -35.97
N GLU B 38 13.03 5.37 -36.59
CA GLU B 38 12.63 5.95 -37.88
C GLU B 38 12.40 4.85 -38.92
N ALA B 39 13.33 3.89 -38.97
CA ALA B 39 13.21 2.79 -39.93
C ALA B 39 12.00 1.92 -39.61
N GLU B 40 11.80 1.58 -38.33
CA GLU B 40 10.59 0.86 -37.95
C GLU B 40 9.34 1.65 -38.33
N SER B 41 9.35 2.96 -38.08
CA SER B 41 8.20 3.79 -38.40
C SER B 41 7.88 3.76 -39.88
N ASN B 42 8.91 3.68 -40.73
CA ASN B 42 8.66 3.69 -42.17
C ASN B 42 8.01 2.41 -42.68
N ARG B 43 7.86 1.38 -41.85
CA ARG B 43 7.24 0.13 -42.26
C ARG B 43 5.86 -0.08 -41.63
N LEU B 44 5.31 0.94 -40.99
CA LEU B 44 3.98 0.86 -40.41
C LEU B 44 2.90 1.21 -41.44
N GLY B 102 6.60 -5.16 -42.99
CA GLY B 102 5.39 -4.60 -42.42
C GLY B 102 5.28 -4.79 -40.92
N LEU B 103 5.08 -3.68 -40.21
CA LEU B 103 4.97 -3.70 -38.76
C LEU B 103 3.63 -3.12 -38.32
N ARG B 104 3.30 -3.33 -37.06
CA ARG B 104 2.14 -2.71 -36.44
C ARG B 104 2.41 -2.56 -34.95
N LYS B 105 1.74 -1.58 -34.34
CA LYS B 105 1.88 -1.35 -32.91
C LYS B 105 1.04 -2.37 -32.15
N ILE B 106 1.69 -3.16 -31.30
CA ILE B 106 1.03 -4.26 -30.58
C ILE B 106 0.72 -3.91 -29.14
N ILE B 107 1.03 -2.71 -28.69
CA ILE B 107 0.68 -2.25 -27.37
C ILE B 107 -0.25 -1.06 -27.53
N ASN B 108 -1.27 -1.00 -26.69
CA ASN B 108 -2.14 0.17 -26.58
C ASN B 108 -2.11 0.60 -25.12
N VAL B 109 -1.29 1.60 -24.81
CA VAL B 109 -1.40 2.25 -23.52
C VAL B 109 -2.74 2.98 -23.48
N VAL B 110 -3.60 2.58 -22.55
CA VAL B 110 -4.91 3.21 -22.40
C VAL B 110 -4.81 4.48 -21.57
N ASP B 111 -4.15 4.39 -20.43
CA ASP B 111 -4.11 5.44 -19.44
C ASP B 111 -2.89 5.22 -18.55
N ASP B 112 -2.90 5.79 -17.35
CA ASP B 112 -1.73 5.75 -16.51
C ASP B 112 -1.46 4.37 -15.93
N ARG B 113 -2.44 3.46 -15.96
CA ARG B 113 -2.31 2.18 -15.29
C ARG B 113 -2.54 0.96 -16.16
N MET B 114 -3.26 1.09 -17.28
CA MET B 114 -3.76 -0.07 -18.02
C MET B 114 -3.24 -0.06 -19.45
N LEU B 115 -2.78 -1.22 -19.92
CA LEU B 115 -2.43 -1.38 -21.33
C LEU B 115 -3.06 -2.65 -21.88
N ILE B 116 -3.31 -2.61 -23.19
CA ILE B 116 -3.74 -3.77 -23.96
C ILE B 116 -2.54 -4.26 -24.75
N PHE B 117 -2.33 -5.57 -24.78
CA PHE B 117 -1.30 -6.17 -25.60
C PHE B 117 -1.95 -6.89 -26.77
N ASP B 118 -1.37 -6.73 -27.96
CA ASP B 118 -1.91 -7.24 -29.21
C ASP B 118 -3.36 -6.80 -29.36
N PRO B 119 -3.61 -5.51 -29.56
CA PRO B 119 -4.95 -4.96 -29.37
C PRO B 119 -5.71 -4.85 -30.68
N PRO B 120 -7.03 -4.60 -30.62
CA PRO B 120 -7.81 -4.49 -31.85
C PRO B 120 -7.50 -3.21 -32.63
N GLU B 121 -8.00 -3.20 -33.87
CA GLU B 121 -7.87 -2.03 -34.74
C GLU B 121 -8.51 -0.81 -34.07
N THR B 122 -7.92 0.36 -34.30
CA THR B 122 -8.51 1.58 -33.78
C THR B 122 -9.59 2.15 -34.68
N ASN B 123 -9.59 1.82 -36.07
CA ASN B 123 -10.85 2.38 -36.53
C ASN B 123 -11.88 1.28 -36.73
N PRO B 124 -13.17 1.62 -36.66
CA PRO B 124 -14.21 0.57 -36.67
C PRO B 124 -14.37 -0.17 -37.98
N LEU B 125 -14.18 0.46 -39.16
CA LEU B 125 -14.31 -0.30 -40.40
C LEU B 125 -13.34 -1.47 -40.45
N THR B 126 -12.05 -1.21 -40.27
CA THR B 126 -11.06 -2.28 -40.36
C THR B 126 -11.38 -3.37 -39.33
N LYS B 127 -11.87 -2.96 -38.17
CA LYS B 127 -12.24 -3.90 -37.11
C LYS B 127 -13.39 -4.81 -37.54
N MET B 128 -14.46 -4.22 -38.09
CA MET B 128 -15.58 -5.01 -38.61
C MET B 128 -15.12 -5.97 -39.69
N GLN B 129 -14.38 -5.47 -40.67
CA GLN B 129 -13.89 -6.31 -41.76
C GLN B 129 -13.04 -7.44 -41.25
N ARG B 130 -12.42 -7.25 -40.08
CA ARG B 130 -11.44 -8.21 -39.64
C ARG B 130 -12.14 -9.35 -38.89
N ASN B 131 -13.39 -9.11 -38.47
CA ASN B 131 -14.37 -10.12 -38.08
C ASN B 131 -15.22 -10.57 -39.27
N ALA B 132 -14.63 -10.73 -40.44
CA ALA B 132 -15.38 -11.15 -41.62
C ALA B 132 -14.72 -12.34 -42.30
N ARG B 143 -5.48 -11.92 -30.37
CA ARG B 143 -5.23 -12.46 -29.04
C ARG B 143 -5.70 -11.49 -27.95
N GLU B 144 -4.93 -10.41 -27.78
CA GLU B 144 -5.22 -9.35 -26.81
C GLU B 144 -5.16 -9.83 -25.36
N HIS B 145 -4.23 -9.29 -24.60
CA HIS B 145 -4.16 -9.51 -23.16
C HIS B 145 -4.28 -8.18 -22.43
N ARG B 146 -5.06 -8.18 -21.36
CA ARG B 146 -5.32 -6.98 -20.58
C ARG B 146 -4.35 -6.93 -19.40
N PHE B 147 -3.63 -5.82 -19.25
CA PHE B 147 -2.65 -5.69 -18.19
C PHE B 147 -2.88 -4.40 -17.41
N VAL B 148 -2.70 -4.49 -16.09
CA VAL B 148 -2.76 -3.36 -15.18
C VAL B 148 -1.46 -3.32 -14.38
N PHE B 149 -0.80 -2.17 -14.38
CA PHE B 149 0.43 -1.96 -13.63
C PHE B 149 0.33 -0.66 -12.84
N ASP B 150 1.37 -0.36 -12.05
CA ASP B 150 1.32 0.80 -11.18
C ASP B 150 1.49 2.11 -11.94
N ARG B 151 2.24 2.09 -13.05
CA ARG B 151 2.40 3.27 -13.89
C ARG B 151 2.92 2.84 -15.26
N LEU B 152 2.40 3.50 -16.29
CA LEU B 152 2.72 3.22 -17.67
C LEU B 152 3.28 4.46 -18.34
N PHE B 153 4.28 4.25 -19.20
CA PHE B 153 4.88 5.30 -19.99
C PHE B 153 4.84 4.86 -21.44
N ASP B 154 4.25 5.68 -22.29
CA ASP B 154 4.10 5.37 -23.70
C ASP B 154 5.35 5.86 -24.44
N GLU B 155 5.42 5.57 -25.74
CA GLU B 155 6.55 6.02 -26.56
C GLU B 155 6.87 7.50 -26.35
N ASP B 156 5.91 8.24 -25.81
CA ASP B 156 5.87 9.70 -25.78
C ASP B 156 6.61 10.30 -24.61
N CYS B 157 6.78 9.54 -23.53
CA CYS B 157 7.17 10.10 -22.25
C CYS B 157 8.59 10.68 -22.29
N THR B 158 8.87 11.55 -21.33
CA THR B 158 10.17 12.16 -21.16
C THR B 158 10.91 11.47 -20.02
N GLN B 159 12.23 11.72 -19.96
CA GLN B 159 13.03 11.21 -18.85
C GLN B 159 12.52 11.77 -17.52
N ASP B 160 12.11 13.03 -17.51
CA ASP B 160 11.66 13.66 -16.27
C ASP B 160 10.40 12.99 -15.74
N GLN B 161 9.47 12.63 -16.62
CA GLN B 161 8.26 11.96 -16.18
C GLN B 161 8.57 10.60 -15.57
N VAL B 162 9.45 9.83 -16.22
CA VAL B 162 9.81 8.52 -15.70
C VAL B 162 10.51 8.65 -14.35
N TYR B 163 11.45 9.59 -14.25
CA TYR B 163 12.15 9.81 -12.99
C TYR B 163 11.18 10.20 -11.88
N ARG B 164 10.28 11.15 -12.16
CA ARG B 164 9.39 11.63 -11.12
C ARG B 164 8.39 10.57 -10.67
N ASN B 165 8.00 9.66 -11.56
CA ASN B 165 7.01 8.65 -11.23
C ASN B 165 7.62 7.31 -10.85
N THR B 166 8.96 7.22 -10.73
CA THR B 166 9.61 5.99 -10.29
C THR B 166 10.52 6.21 -9.10
N THR B 167 11.56 7.04 -9.23
CA THR B 167 12.61 7.06 -8.24
C THR B 167 12.57 8.28 -7.33
N GLN B 168 12.03 9.41 -7.79
CA GLN B 168 11.87 10.57 -6.93
C GLN B 168 11.14 10.25 -5.63
N PRO B 169 9.97 9.59 -5.63
CA PRO B 169 9.29 9.33 -4.36
C PRO B 169 10.13 8.54 -3.35
N LEU B 170 11.12 7.77 -3.82
CA LEU B 170 11.94 7.00 -2.90
C LEU B 170 12.84 7.89 -2.03
N LEU B 171 13.20 9.08 -2.53
CA LEU B 171 14.33 9.79 -1.97
C LEU B 171 14.15 10.09 -0.48
N ASP B 172 12.93 10.46 -0.06
CA ASP B 172 12.69 10.70 1.36
C ASP B 172 13.13 9.52 2.20
N SER B 173 12.66 8.32 1.87
CA SER B 173 13.04 7.14 2.64
C SER B 173 14.55 6.96 2.67
N VAL B 174 15.22 7.33 1.57
CA VAL B 174 16.67 7.19 1.52
C VAL B 174 17.34 8.20 2.45
N LEU B 175 16.80 9.42 2.49
CA LEU B 175 17.34 10.40 3.43
C LEU B 175 16.96 10.06 4.87
N ASP B 176 15.94 9.22 5.06
CA ASP B 176 15.56 8.72 6.38
C ASP B 176 16.32 7.45 6.75
N GLY B 177 17.28 7.03 5.94
CA GLY B 177 18.16 5.92 6.29
C GLY B 177 17.78 4.56 5.73
N TYR B 178 16.75 4.48 4.90
CA TYR B 178 16.31 3.21 4.34
C TYR B 178 16.83 3.05 2.93
N ASN B 179 17.19 1.82 2.57
CA ASN B 179 17.66 1.52 1.22
C ASN B 179 16.53 1.62 0.21
N ALA B 180 16.87 1.90 -1.05
CA ALA B 180 15.88 1.93 -2.12
C ALA B 180 16.50 1.36 -3.40
N THR B 181 15.64 0.82 -4.27
CA THR B 181 16.17 0.09 -5.42
C THR B 181 15.27 0.26 -6.63
N VAL B 182 15.89 0.55 -7.78
CA VAL B 182 15.20 0.76 -9.05
C VAL B 182 15.87 -0.11 -10.10
N PHE B 183 15.10 -0.97 -10.76
CA PHE B 183 15.58 -1.81 -11.84
C PHE B 183 15.13 -1.28 -13.20
N ALA B 184 15.90 -1.63 -14.23
CA ALA B 184 15.44 -1.63 -15.60
C ALA B 184 15.51 -3.06 -16.12
N TYR B 185 14.35 -3.60 -16.50
CA TYR B 185 14.23 -4.98 -16.96
C TYR B 185 13.74 -4.98 -18.40
N GLY B 186 14.13 -5.99 -19.17
CA GLY B 186 13.59 -6.14 -20.51
C GLY B 186 14.60 -6.58 -21.55
N ALA B 187 14.12 -6.82 -22.77
CA ALA B 187 14.99 -7.32 -23.83
C ALA B 187 15.97 -6.26 -24.30
N THR B 188 17.08 -6.71 -24.86
CA THR B 188 18.06 -5.81 -25.44
C THR B 188 17.43 -4.99 -26.55
N GLY B 189 17.67 -3.67 -26.51
CA GLY B 189 17.12 -2.77 -27.50
C GLY B 189 15.83 -2.08 -27.11
N CYS B 190 15.36 -2.23 -25.87
CA CYS B 190 14.07 -1.72 -25.46
C CYS B 190 14.15 -0.49 -24.57
N GLY B 191 15.34 -0.03 -24.20
CA GLY B 191 15.48 1.23 -23.51
C GLY B 191 16.01 1.18 -22.09
N LYS B 192 16.55 0.05 -21.67
CA LYS B 192 17.09 -0.05 -20.31
C LYS B 192 18.18 0.98 -20.06
N THR B 193 19.23 0.95 -20.89
CA THR B 193 20.34 1.87 -20.70
C THR B 193 19.91 3.32 -20.94
N HIS B 194 19.00 3.53 -21.89
CA HIS B 194 18.47 4.87 -22.11
C HIS B 194 17.71 5.37 -20.88
N THR B 195 16.98 4.47 -20.21
CA THR B 195 16.23 4.89 -19.03
C THR B 195 17.14 5.13 -17.84
N ILE B 196 18.12 4.24 -17.62
CA ILE B 196 18.99 4.36 -16.45
C ILE B 196 20.03 5.44 -16.67
N SER B 197 20.79 5.35 -17.76
CA SER B 197 21.84 6.33 -18.04
C SER B 197 21.31 7.52 -18.85
N GLY B 198 20.70 7.25 -20.00
CA GLY B 198 20.34 8.32 -20.91
C GLY B 198 21.54 8.83 -21.66
N THR B 199 21.36 10.00 -22.26
CA THR B 199 22.40 10.65 -23.05
C THR B 199 22.78 11.98 -22.39
N PRO B 200 23.92 12.57 -22.78
CA PRO B 200 24.24 13.91 -22.28
C PRO B 200 23.18 14.90 -22.71
N GLU B 201 22.44 14.60 -23.77
CA GLU B 201 21.34 15.47 -24.17
C GLU B 201 20.04 15.19 -23.43
N ASP B 202 19.85 13.94 -23.03
CA ASP B 202 18.57 13.48 -22.49
C ASP B 202 18.89 12.56 -21.33
N PRO B 203 19.35 13.13 -20.21
CA PRO B 203 19.89 12.28 -19.14
C PRO B 203 18.80 11.48 -18.45
N GLY B 204 19.19 10.35 -17.90
CA GLY B 204 18.28 9.37 -17.35
C GLY B 204 18.18 9.41 -15.84
N VAL B 205 17.84 8.26 -15.26
CA VAL B 205 17.44 8.18 -13.85
C VAL B 205 18.62 8.50 -12.93
N ILE B 206 19.79 7.93 -13.23
CA ILE B 206 20.97 8.20 -12.40
C ILE B 206 21.24 9.70 -12.30
N PHE B 207 21.25 10.37 -13.46
CA PHE B 207 21.58 11.79 -13.51
C PHE B 207 20.60 12.62 -12.70
N LEU B 208 19.30 12.47 -12.99
CA LEU B 208 18.29 13.28 -12.33
C LEU B 208 18.25 12.99 -10.82
N THR B 209 18.47 11.72 -10.45
CA THR B 209 18.57 11.36 -9.05
C THR B 209 19.69 12.13 -8.36
N MET B 210 20.90 12.08 -8.94
CA MET B 210 22.03 12.78 -8.33
C MET B 210 21.79 14.28 -8.28
N LYS B 211 21.14 14.84 -9.30
CA LYS B 211 20.84 16.27 -9.31
C LYS B 211 19.94 16.66 -8.14
N GLU B 212 18.81 15.97 -7.99
CA GLU B 212 17.91 16.27 -6.88
C GLU B 212 18.59 16.02 -5.53
N LEU B 213 19.45 15.00 -5.44
CA LEU B 213 20.14 14.74 -4.19
C LEU B 213 21.09 15.89 -3.83
N TYR B 214 21.82 16.41 -4.81
CA TYR B 214 22.67 17.55 -4.57
C TYR B 214 21.87 18.74 -4.06
N ASN B 215 20.72 19.00 -4.69
CA ASN B 215 19.88 20.12 -4.23
C ASN B 215 19.41 19.92 -2.79
N ARG B 216 18.98 18.70 -2.45
CA ARG B 216 18.43 18.49 -1.11
C ARG B 216 19.52 18.51 -0.05
N ILE B 217 20.75 18.14 -0.43
CA ILE B 217 21.89 18.33 0.48
C ILE B 217 22.10 19.81 0.75
N GLU B 218 22.11 20.63 -0.30
CA GLU B 218 22.30 22.07 -0.08
C GLU B 218 21.14 22.67 0.72
N GLU B 219 19.93 22.12 0.57
CA GLU B 219 18.84 22.50 1.48
C GLU B 219 19.22 22.23 2.93
N LEU B 220 19.61 20.99 3.22
CA LEU B 220 19.82 20.55 4.60
C LEU B 220 21.20 20.86 5.15
N LYS B 221 22.00 21.66 4.43
CA LYS B 221 23.36 21.93 4.91
C LYS B 221 23.39 22.52 6.31
N ASP B 222 22.29 23.16 6.74
CA ASP B 222 22.25 23.83 8.04
C ASP B 222 22.16 22.84 9.19
N THR B 223 21.30 21.83 9.07
CA THR B 223 20.96 20.95 10.18
C THR B 223 21.59 19.57 10.09
N LYS B 224 22.12 19.20 8.93
CA LYS B 224 22.57 17.85 8.66
C LYS B 224 23.95 17.87 8.05
N ILE B 225 24.77 16.90 8.43
CA ILE B 225 26.01 16.60 7.75
C ILE B 225 25.74 15.38 6.88
N ILE B 226 25.91 15.55 5.57
CA ILE B 226 25.56 14.51 4.60
C ILE B 226 26.77 14.23 3.72
N ASP B 227 27.16 12.95 3.67
CA ASP B 227 28.14 12.43 2.74
C ASP B 227 27.40 11.66 1.65
N ILE B 228 27.61 12.05 0.41
CA ILE B 228 26.99 11.42 -0.74
C ILE B 228 28.10 10.87 -1.63
N SER B 229 28.08 9.57 -1.89
CA SER B 229 29.11 8.97 -2.73
C SER B 229 28.47 7.94 -3.64
N LEU B 230 29.16 7.59 -4.72
CA LEU B 230 28.60 6.64 -5.66
C LEU B 230 29.68 5.68 -6.16
N SER B 231 29.22 4.50 -6.53
CA SER B 231 30.05 3.49 -7.18
C SER B 231 29.24 2.88 -8.32
N TYR B 232 29.94 2.30 -9.28
CA TYR B 232 29.30 1.78 -10.48
C TYR B 232 30.04 0.49 -10.85
N LEU B 233 29.38 -0.65 -10.70
CA LEU B 233 30.04 -1.92 -10.97
C LEU B 233 29.27 -2.70 -12.03
N GLU B 234 29.94 -3.71 -12.57
CA GLU B 234 29.34 -4.65 -13.50
C GLU B 234 29.37 -6.03 -12.89
N ILE B 235 28.27 -6.76 -13.04
CA ILE B 235 28.24 -8.20 -12.84
C ILE B 235 28.09 -8.86 -14.20
N TYR B 236 29.05 -9.70 -14.55
CA TYR B 236 29.06 -10.41 -15.83
C TYR B 236 29.60 -11.80 -15.60
N ASN B 237 28.82 -12.82 -15.96
CA ASN B 237 29.20 -14.22 -15.76
C ASN B 237 29.58 -14.48 -14.30
N GLU B 238 28.82 -13.88 -13.40
CA GLU B 238 29.01 -13.98 -11.95
C GLU B 238 30.38 -13.47 -11.51
N THR B 239 31.01 -12.60 -12.31
CA THR B 239 32.22 -11.91 -11.92
C THR B 239 31.92 -10.43 -11.77
N ILE B 240 32.61 -9.79 -10.82
CA ILE B 240 32.41 -8.38 -10.52
C ILE B 240 33.57 -7.58 -11.10
N ARG B 241 33.23 -6.50 -11.82
CA ARG B 241 34.20 -5.57 -12.36
C ARG B 241 33.84 -4.17 -11.87
N ASP B 242 34.85 -3.36 -11.60
CA ASP B 242 34.62 -1.97 -11.22
C ASP B 242 34.55 -1.15 -12.51
N LEU B 243 33.35 -0.75 -12.90
CA LEU B 243 33.21 0.05 -14.11
C LEU B 243 33.95 1.38 -14.02
N LEU B 244 34.29 1.81 -12.81
CA LEU B 244 35.01 3.05 -12.63
C LEU B 244 36.44 2.82 -12.20
N ASN B 245 36.85 1.59 -11.95
CA ASN B 245 38.28 1.32 -11.89
C ASN B 245 38.54 0.09 -12.72
N PRO B 246 38.41 0.20 -14.06
CA PRO B 246 38.20 -1.01 -14.86
C PRO B 246 39.35 -2.02 -14.74
N MET B 247 40.30 -1.82 -13.83
CA MET B 247 41.53 -2.61 -13.82
C MET B 247 41.88 -3.20 -12.45
N THR B 248 40.87 -3.56 -11.65
CA THR B 248 41.03 -4.00 -10.27
C THR B 248 41.09 -5.52 -10.13
N GLN B 249 40.74 -6.26 -11.19
CA GLN B 249 40.64 -7.71 -11.21
C GLN B 249 39.45 -8.21 -10.40
N CYS B 250 38.63 -9.06 -11.03
CA CYS B 250 37.44 -9.62 -10.37
C CYS B 250 37.81 -10.34 -9.09
N LYS B 251 39.02 -10.92 -9.05
CA LYS B 251 39.50 -11.65 -7.89
C LYS B 251 39.54 -10.79 -6.61
N ASN B 252 39.72 -9.48 -6.74
CA ASN B 252 39.76 -8.59 -5.59
C ASN B 252 38.43 -7.89 -5.31
N LEU B 253 37.36 -8.30 -5.99
CA LEU B 253 36.05 -7.65 -5.85
C LEU B 253 35.10 -8.68 -5.25
N VAL B 254 34.91 -8.63 -3.93
CA VAL B 254 34.22 -9.68 -3.20
C VAL B 254 33.10 -9.05 -2.37
N ILE B 255 31.91 -9.65 -2.44
CA ILE B 255 30.79 -9.20 -1.63
C ILE B 255 31.05 -9.56 -0.18
N ARG B 256 30.80 -8.60 0.73
CA ARG B 256 30.98 -8.80 2.15
C ARG B 256 29.79 -8.24 2.90
N GLU B 257 29.38 -8.93 3.96
CA GLU B 257 28.29 -8.50 4.83
C GLU B 257 28.89 -8.15 6.17
N ASP B 258 28.68 -6.92 6.62
CA ASP B 258 29.27 -6.48 7.89
C ASP B 258 28.28 -6.75 9.02
N ALA B 259 28.51 -6.12 10.18
CA ALA B 259 27.68 -6.40 11.35
C ALA B 259 26.32 -5.70 11.28
N ASN B 260 26.30 -4.42 10.88
CA ASN B 260 25.07 -3.64 10.82
C ASN B 260 24.22 -3.89 9.57
N ASN B 261 24.19 -5.12 9.08
CA ASN B 261 23.41 -5.47 7.90
C ASN B 261 23.70 -4.53 6.74
N LYS B 262 24.99 -4.33 6.48
CA LYS B 262 25.45 -3.46 5.39
C LYS B 262 26.27 -4.31 4.44
N ILE B 263 25.88 -4.32 3.17
CA ILE B 263 26.59 -5.06 2.14
C ILE B 263 27.59 -4.13 1.47
N SER B 264 28.80 -4.62 1.25
CA SER B 264 29.82 -3.85 0.56
C SER B 264 30.56 -4.77 -0.40
N VAL B 265 31.38 -4.17 -1.25
CA VAL B 265 32.23 -4.90 -2.19
C VAL B 265 33.66 -4.47 -1.92
N SER B 266 34.52 -5.43 -1.61
CA SER B 266 35.90 -5.11 -1.26
C SER B 266 36.61 -4.44 -2.43
N ASN B 267 37.32 -3.36 -2.12
CA ASN B 267 38.12 -2.59 -3.08
C ASN B 267 37.28 -1.93 -4.16
N LEU B 268 35.99 -1.70 -3.92
CA LEU B 268 35.15 -1.04 -4.91
C LEU B 268 35.39 0.46 -4.82
N SER B 269 35.84 1.05 -5.93
CA SER B 269 36.10 2.49 -5.94
C SER B 269 34.78 3.22 -5.72
N ARG B 270 34.86 4.46 -5.21
CA ARG B 270 33.70 5.11 -4.62
C ARG B 270 33.96 6.61 -4.71
N HIS B 271 33.08 7.30 -5.41
CA HIS B 271 33.40 8.60 -5.97
C HIS B 271 32.40 9.65 -5.54
N ARG B 272 32.91 10.87 -5.30
CA ARG B 272 32.11 12.03 -4.90
C ARG B 272 32.22 13.08 -6.00
N PRO B 273 31.43 12.94 -7.07
CA PRO B 273 31.50 13.93 -8.14
C PRO B 273 31.20 15.34 -7.70
N ASN B 274 31.98 16.23 -8.28
CA ASN B 274 31.96 17.67 -8.10
C ASN B 274 30.55 18.22 -8.29
N SER B 275 30.03 18.00 -9.48
CA SER B 275 28.85 18.61 -10.02
C SER B 275 28.07 17.52 -10.74
N VAL B 276 27.01 17.92 -11.43
CA VAL B 276 26.14 16.93 -12.04
C VAL B 276 26.72 16.49 -13.39
N GLU B 277 27.56 17.36 -13.99
CA GLU B 277 28.24 17.03 -15.24
C GLU B 277 29.30 15.96 -15.06
N GLU B 278 30.08 16.01 -13.96
CA GLU B 278 31.01 14.89 -13.73
C GLU B 278 30.25 13.61 -13.41
N VAL B 279 29.03 13.72 -12.87
CA VAL B 279 28.18 12.55 -12.74
C VAL B 279 27.92 11.95 -14.12
N MET B 280 27.51 12.78 -15.08
CA MET B 280 27.26 12.29 -16.43
C MET B 280 28.53 11.69 -17.04
N GLN B 281 29.67 12.37 -16.84
CA GLN B 281 30.99 11.86 -17.18
C GLN B 281 31.20 10.43 -16.69
N LEU B 282 31.04 10.24 -15.38
CA LEU B 282 31.28 8.94 -14.76
C LEU B 282 30.36 7.89 -15.34
N ILE B 283 29.08 8.24 -15.55
CA ILE B 283 28.13 7.32 -16.17
C ILE B 283 28.67 6.83 -17.51
N LEU B 284 29.01 7.78 -18.39
CA LEU B 284 29.39 7.42 -19.75
C LEU B 284 30.67 6.59 -19.76
N GLU B 285 31.68 7.03 -19.01
CA GLU B 285 32.93 6.28 -18.95
C GLU B 285 32.71 4.88 -18.39
N GLY B 286 31.89 4.76 -17.34
CA GLY B 286 31.63 3.45 -16.77
C GLY B 286 30.93 2.52 -17.74
N ASN B 287 30.03 3.07 -18.56
CA ASN B 287 29.41 2.23 -19.59
C ASN B 287 30.43 1.82 -20.66
N LYS B 288 31.43 2.67 -20.93
CA LYS B 288 32.46 2.28 -21.88
C LYS B 288 33.22 1.04 -21.42
N ASN B 289 33.38 0.87 -20.10
CA ASN B 289 34.16 -0.23 -19.55
C ASN B 289 33.36 -1.51 -19.36
N ARG B 290 32.08 -1.51 -19.70
CA ARG B 290 31.29 -2.73 -19.59
C ARG B 290 31.77 -3.76 -20.60
N THR B 291 31.54 -5.03 -20.29
CA THR B 291 32.03 -6.12 -21.14
C THR B 291 31.39 -6.02 -22.52
N CYS B 292 32.24 -6.02 -23.55
CA CYS B 292 31.79 -5.83 -24.91
C CYS B 292 30.99 -7.03 -25.40
N SER B 293 30.21 -6.81 -26.46
CA SER B 293 29.49 -7.90 -27.11
C SER B 293 30.48 -8.85 -27.78
N PRO B 294 30.13 -10.14 -27.87
CA PRO B 294 31.04 -11.08 -28.55
C PRO B 294 31.08 -10.88 -30.05
N THR B 295 30.02 -10.32 -30.65
CA THR B 295 29.91 -10.21 -32.09
C THR B 295 29.99 -8.79 -32.61
N GLU B 296 29.56 -7.80 -31.84
CA GLU B 296 29.63 -6.40 -32.23
C GLU B 296 30.84 -5.75 -31.57
N ALA B 297 31.49 -4.85 -32.30
CA ALA B 297 32.76 -4.28 -31.86
C ALA B 297 32.60 -3.02 -31.02
N ASN B 298 31.41 -2.41 -30.98
CA ASN B 298 31.22 -1.13 -30.33
C ASN B 298 29.98 -1.14 -29.44
N ALA B 299 29.59 -2.32 -28.93
CA ALA B 299 28.35 -2.47 -28.19
C ALA B 299 28.55 -3.33 -26.96
N THR B 300 27.83 -2.98 -25.89
CA THR B 300 27.90 -3.72 -24.64
C THR B 300 27.24 -5.08 -24.75
N SER B 301 27.81 -6.07 -24.08
CA SER B 301 27.20 -7.39 -24.03
C SER B 301 25.82 -7.32 -23.40
N SER B 302 24.87 -8.07 -23.97
CA SER B 302 23.53 -8.15 -23.40
C SER B 302 23.51 -8.87 -22.06
N ARG B 303 24.62 -9.50 -21.67
CA ARG B 303 24.73 -10.23 -20.42
C ARG B 303 25.27 -9.37 -19.28
N SER B 304 25.48 -8.07 -19.51
CA SER B 304 26.14 -7.22 -18.52
C SER B 304 25.12 -6.57 -17.61
N HIS B 305 25.22 -6.84 -16.31
CA HIS B 305 24.49 -6.11 -15.30
C HIS B 305 25.32 -4.89 -14.88
N ALA B 306 24.71 -3.72 -14.87
CA ALA B 306 25.38 -2.50 -14.41
C ALA B 306 24.63 -1.98 -13.19
N VAL B 307 25.31 -1.95 -12.05
CA VAL B 307 24.70 -1.60 -10.77
C VAL B 307 25.35 -0.30 -10.30
N LEU B 308 24.57 0.78 -10.30
CA LEU B 308 24.99 2.04 -9.71
C LEU B 308 24.48 2.11 -8.28
N GLN B 309 25.35 2.49 -7.36
CA GLN B 309 24.95 2.56 -5.96
C GLN B 309 25.36 3.90 -5.36
N ILE B 310 24.40 4.54 -4.70
CA ILE B 310 24.57 5.86 -4.11
C ILE B 310 24.43 5.71 -2.61
N ASN B 311 25.51 5.96 -1.88
CA ASN B 311 25.54 5.90 -0.42
C ASN B 311 25.24 7.28 0.13
N VAL B 312 24.20 7.36 0.96
CA VAL B 312 23.80 8.57 1.67
C VAL B 312 24.04 8.32 3.15
N ILE B 313 24.95 9.11 3.74
CA ILE B 313 25.27 8.99 5.16
C ILE B 313 25.01 10.35 5.78
N GLN B 314 24.13 10.42 6.79
CA GLN B 314 23.95 11.72 7.41
C GLN B 314 24.00 11.62 8.92
N LYS B 315 24.30 12.76 9.53
CA LYS B 315 24.52 12.83 10.96
C LYS B 315 24.05 14.20 11.43
N ASP B 316 23.49 14.28 12.63
CA ASP B 316 22.72 15.47 12.98
C ASP B 316 23.71 16.58 13.30
N ARG B 317 23.50 17.77 12.74
CA ARG B 317 24.55 18.78 12.79
C ARG B 317 24.43 19.73 13.99
N THR B 318 23.25 19.84 14.59
CA THR B 318 23.02 20.78 15.66
C THR B 318 23.14 20.16 17.05
N GLY B 319 23.28 18.84 17.14
CA GLY B 319 23.48 18.20 18.41
C GLY B 319 24.93 18.23 18.85
N ASP B 320 25.31 17.20 19.58
CA ASP B 320 26.65 16.95 20.07
C ASP B 320 27.20 15.66 19.46
N ILE B 321 28.53 15.53 19.52
CA ILE B 321 29.19 14.36 18.92
C ILE B 321 28.57 13.09 19.50
N THR B 322 28.04 12.23 18.63
CA THR B 322 27.24 11.12 19.13
C THR B 322 27.42 9.79 18.41
N GLU B 323 28.09 9.73 17.27
CA GLU B 323 28.37 8.49 16.54
C GLU B 323 27.14 7.82 15.96
N GLU B 324 25.96 8.40 16.12
CA GLU B 324 24.76 7.85 15.51
C GLU B 324 24.44 8.62 14.24
N HIS B 325 23.89 7.90 13.27
CA HIS B 325 23.76 8.41 11.91
C HIS B 325 22.74 7.55 11.16
N THR B 326 22.45 7.96 9.93
CA THR B 326 21.77 7.10 8.99
C THR B 326 22.73 6.81 7.83
N PHE B 327 22.59 5.62 7.24
CA PHE B 327 23.43 5.22 6.13
C PHE B 327 22.63 4.28 5.26
N ALA B 328 22.22 4.76 4.09
CA ALA B 328 21.37 4.01 3.19
C ALA B 328 21.98 4.01 1.79
N THR B 329 21.56 3.04 0.99
CA THR B 329 22.02 2.92 -0.39
C THR B 329 20.84 2.91 -1.33
N LEU B 330 20.89 3.80 -2.32
CA LEU B 330 19.98 3.76 -3.46
C LEU B 330 20.70 3.05 -4.60
N SER B 331 20.17 1.90 -4.99
CA SER B 331 20.74 1.10 -6.07
C SER B 331 19.87 1.25 -7.30
N ILE B 332 20.49 1.63 -8.41
CA ILE B 332 19.83 1.81 -9.70
C ILE B 332 20.53 0.89 -10.70
N ILE B 333 19.80 -0.08 -11.25
CA ILE B 333 20.41 -1.23 -11.91
C ILE B 333 19.90 -1.33 -13.34
N ASP B 334 20.83 -1.20 -14.28
CA ASP B 334 20.61 -1.51 -15.69
C ASP B 334 20.90 -3.00 -15.87
N LEU B 335 19.86 -3.82 -15.83
CA LEU B 335 20.03 -5.26 -15.79
C LEU B 335 20.47 -5.81 -17.16
N ALA B 336 20.92 -7.06 -17.13
CA ALA B 336 21.22 -7.78 -18.36
C ALA B 336 19.96 -8.01 -19.17
N GLY B 337 20.13 -8.20 -20.47
CA GLY B 337 19.01 -8.42 -21.36
C GLY B 337 18.20 -9.65 -21.00
N SER B 338 16.88 -9.48 -20.94
CA SER B 338 15.99 -10.57 -20.55
C SER B 338 15.72 -11.55 -21.67
N GLU B 339 16.20 -11.30 -22.88
CA GLU B 339 15.83 -12.16 -23.98
C GLU B 339 16.54 -13.51 -23.89
N ARG B 340 15.98 -14.47 -24.61
CA ARG B 340 16.35 -15.88 -24.55
C ARG B 340 17.80 -16.14 -24.92
N GLY B 354 26.79 -22.79 -19.98
CA GLY B 354 27.26 -22.31 -18.69
C GLY B 354 26.17 -21.69 -17.85
N ALA B 355 26.07 -22.14 -16.59
CA ALA B 355 25.02 -21.66 -15.70
C ALA B 355 25.30 -20.27 -15.16
N ASN B 356 26.56 -19.82 -15.15
CA ASN B 356 26.91 -18.53 -14.58
C ASN B 356 26.56 -17.35 -15.48
N ILE B 357 26.16 -17.58 -16.73
CA ILE B 357 26.02 -16.46 -17.66
C ILE B 357 24.77 -15.64 -17.35
N ASN B 358 23.66 -16.31 -16.98
CA ASN B 358 22.49 -15.55 -16.58
CA ASN B 358 22.40 -15.68 -16.64
C ASN B 358 22.00 -15.95 -15.19
N LYS B 359 22.92 -16.46 -14.36
CA LYS B 359 22.56 -16.87 -13.02
C LYS B 359 21.97 -15.72 -12.22
N SER B 360 22.56 -14.53 -12.33
CA SER B 360 22.08 -13.38 -11.56
C SER B 360 20.68 -12.96 -12.00
N LEU B 361 20.41 -12.99 -13.30
CA LEU B 361 19.08 -12.58 -13.78
C LEU B 361 18.01 -13.54 -13.31
N LEU B 362 18.23 -14.84 -13.50
CA LEU B 362 17.27 -15.84 -13.06
C LEU B 362 17.11 -15.81 -11.55
N ALA B 363 18.19 -15.57 -10.82
CA ALA B 363 18.10 -15.51 -9.36
C ALA B 363 17.32 -14.29 -8.91
N LEU B 364 17.47 -13.17 -9.62
CA LEU B 364 16.63 -12.01 -9.35
C LEU B 364 15.16 -12.37 -9.52
N GLY B 365 14.82 -13.03 -10.62
CA GLY B 365 13.44 -13.45 -10.83
C GLY B 365 12.92 -14.37 -9.74
N ASN B 366 13.77 -15.32 -9.31
CA ASN B 366 13.37 -16.25 -8.27
C ASN B 366 13.17 -15.54 -6.93
N CYS B 367 14.05 -14.58 -6.60
CA CYS B 367 13.88 -13.80 -5.39
C CYS B 367 12.61 -12.97 -5.46
N ILE B 368 12.26 -12.49 -6.65
CA ILE B 368 11.03 -11.70 -6.78
C ILE B 368 9.80 -12.58 -6.55
N ASN B 369 9.81 -13.83 -7.06
CA ASN B 369 8.74 -14.74 -6.66
C ASN B 369 8.70 -14.92 -5.14
N ALA B 370 9.87 -15.14 -4.53
CA ALA B 370 9.90 -15.31 -3.08
C ALA B 370 9.23 -14.13 -2.37
N LEU B 371 9.51 -12.91 -2.84
CA LEU B 371 8.98 -11.71 -2.18
C LEU B 371 7.47 -11.55 -2.37
N CYS B 372 6.92 -11.99 -3.49
CA CYS B 372 5.49 -11.82 -3.72
C CYS B 372 4.66 -12.91 -3.07
N ASP B 373 5.27 -14.03 -2.70
CA ASP B 373 4.59 -15.15 -2.09
C ASP B 373 4.66 -15.00 -0.57
N PRO B 374 3.53 -14.79 0.12
CA PRO B 374 3.59 -14.68 1.59
C PRO B 374 4.19 -15.90 2.25
N ARG B 375 4.14 -17.06 1.60
CA ARG B 375 4.65 -18.31 2.14
C ARG B 375 6.14 -18.50 1.90
N ARG B 376 6.69 -17.79 0.92
CA ARG B 376 8.12 -17.79 0.64
C ARG B 376 8.79 -16.47 1.00
N ARG B 377 8.00 -15.45 1.38
CA ARG B 377 8.51 -14.10 1.61
C ARG B 377 9.58 -14.05 2.70
N ASN B 378 9.69 -15.08 3.52
CA ASN B 378 10.66 -15.10 4.60
C ASN B 378 11.87 -15.97 4.26
N HIS B 379 11.90 -16.58 3.08
CA HIS B 379 12.92 -17.53 2.66
C HIS B 379 13.51 -17.15 1.31
N VAL B 380 13.78 -15.86 1.12
CA VAL B 380 14.20 -15.36 -0.18
C VAL B 380 15.62 -15.83 -0.48
N PRO B 381 15.83 -16.55 -1.57
CA PRO B 381 17.14 -17.19 -1.82
C PRO B 381 18.16 -16.23 -2.45
N TYR B 382 18.48 -15.16 -1.72
CA TYR B 382 19.44 -14.14 -2.17
C TYR B 382 20.80 -14.71 -2.52
N ARG B 383 21.14 -15.82 -1.90
CA ARG B 383 22.46 -16.42 -1.88
C ARG B 383 22.82 -17.02 -3.23
N ASP B 384 21.86 -17.10 -4.16
CA ASP B 384 21.96 -17.88 -5.39
C ASP B 384 22.78 -17.19 -6.47
N SER B 385 23.21 -15.95 -6.28
CA SER B 385 23.91 -15.21 -7.32
C SER B 385 24.55 -13.97 -6.73
N LYS B 386 25.49 -13.39 -7.48
CA LYS B 386 26.16 -12.17 -7.04
C LYS B 386 25.21 -10.99 -6.97
N LEU B 387 24.30 -10.87 -7.93
CA LEU B 387 23.38 -9.73 -7.93
C LEU B 387 22.48 -9.76 -6.71
N THR B 388 21.81 -10.88 -6.48
CA THR B 388 20.87 -10.98 -5.36
C THR B 388 21.60 -10.89 -4.03
N ARG B 389 22.81 -11.47 -3.93
CA ARG B 389 23.59 -11.36 -2.71
C ARG B 389 23.99 -9.91 -2.45
N LEU B 390 24.36 -9.19 -3.51
CA LEU B 390 24.67 -7.77 -3.40
C LEU B 390 23.48 -6.97 -2.89
N LEU B 391 22.26 -7.39 -3.24
CA LEU B 391 21.04 -6.69 -2.87
C LEU B 391 20.28 -7.40 -1.75
N LYS B 392 20.99 -8.15 -0.91
CA LYS B 392 20.35 -8.91 0.15
C LYS B 392 19.46 -8.01 1.02
N PHE B 393 19.92 -6.80 1.30
CA PHE B 393 19.16 -5.83 2.06
C PHE B 393 18.66 -4.68 1.19
N SER B 394 18.49 -4.92 -0.11
CA SER B 394 18.11 -3.86 -1.04
C SER B 394 17.07 -4.38 -2.03
N LEU B 395 16.07 -5.11 -1.54
CA LEU B 395 15.13 -5.74 -2.45
C LEU B 395 13.82 -6.09 -1.75
N GLY B 396 13.90 -6.63 -0.54
CA GLY B 396 12.70 -6.99 0.19
C GLY B 396 11.93 -5.78 0.67
N GLY B 397 10.62 -5.97 0.83
CA GLY B 397 9.74 -4.95 1.41
C GLY B 397 10.24 -4.46 2.74
N ASN B 398 10.83 -3.26 2.72
CA ASN B 398 11.72 -2.71 3.73
C ASN B 398 12.60 -1.73 2.98
N CYS B 399 13.05 -2.20 1.83
CA CYS B 399 13.63 -1.38 0.78
C CYS B 399 12.56 -1.14 -0.27
N LYS B 400 12.18 0.12 -0.46
CA LYS B 400 11.24 0.46 -1.53
C LYS B 400 11.84 0.08 -2.87
N THR B 401 11.17 -0.82 -3.58
CA THR B 401 11.71 -1.43 -4.78
C THR B 401 10.76 -1.18 -5.94
N VAL B 402 11.28 -0.60 -7.02
CA VAL B 402 10.51 -0.32 -8.22
C VAL B 402 11.25 -0.89 -9.41
N MET B 403 10.56 -1.73 -10.20
CA MET B 403 11.10 -2.30 -11.42
C MET B 403 10.46 -1.60 -12.61
N ILE B 404 11.29 -1.05 -13.50
CA ILE B 404 10.81 -0.42 -14.72
C ILE B 404 11.00 -1.43 -15.84
N VAL B 405 9.88 -1.91 -16.37
CA VAL B 405 9.85 -2.89 -17.44
C VAL B 405 9.85 -2.15 -18.78
N CYS B 406 10.81 -2.47 -19.64
CA CYS B 406 11.02 -1.80 -20.92
C CYS B 406 10.65 -2.76 -22.06
N VAL B 407 9.78 -2.30 -22.96
CA VAL B 407 9.25 -3.16 -24.02
C VAL B 407 9.21 -2.39 -25.33
N SER B 408 9.23 -3.15 -26.42
CA SER B 408 9.12 -2.69 -27.80
C SER B 408 7.66 -2.64 -28.23
N PRO B 409 7.22 -1.57 -28.89
CA PRO B 409 5.86 -1.55 -29.45
C PRO B 409 5.74 -2.30 -30.77
N SER B 410 6.87 -2.70 -31.36
CA SER B 410 6.87 -3.26 -32.71
C SER B 410 6.34 -4.69 -32.72
N SER B 411 5.49 -4.99 -33.70
CA SER B 411 4.96 -6.35 -33.82
C SER B 411 6.06 -7.38 -33.97
N GLN B 412 7.17 -6.99 -34.60
CA GLN B 412 8.30 -7.89 -34.80
C GLN B 412 8.79 -8.50 -33.50
N HIS B 413 8.67 -7.77 -32.39
CA HIS B 413 9.16 -8.22 -31.09
C HIS B 413 8.04 -8.79 -30.22
N TYR B 414 6.98 -9.30 -30.85
CA TYR B 414 5.82 -9.85 -30.18
C TYR B 414 6.22 -10.73 -28.99
N ASP B 415 6.77 -11.92 -29.30
CA ASP B 415 7.07 -12.93 -28.29
C ASP B 415 7.79 -12.33 -27.09
N GLU B 416 8.97 -11.76 -27.31
CA GLU B 416 9.73 -11.21 -26.20
C GLU B 416 8.90 -10.22 -25.40
N THR B 417 8.28 -9.26 -26.09
CA THR B 417 7.47 -8.28 -25.37
C THR B 417 6.44 -8.99 -24.51
N LEU B 418 5.78 -10.00 -25.07
CA LEU B 418 4.73 -10.66 -24.30
C LEU B 418 5.37 -11.24 -23.04
N ASN B 419 6.46 -12.01 -23.24
CA ASN B 419 7.24 -12.55 -22.12
C ASN B 419 7.45 -11.47 -21.06
N THR B 420 8.04 -10.35 -21.48
CA THR B 420 8.40 -9.31 -20.52
C THR B 420 7.16 -8.86 -19.76
N LEU B 421 6.08 -8.59 -20.49
CA LEU B 421 4.84 -8.20 -19.84
C LEU B 421 4.40 -9.24 -18.82
N LYS B 422 4.39 -10.51 -19.24
CA LYS B 422 4.01 -11.58 -18.32
C LYS B 422 4.92 -11.57 -17.10
N TYR B 423 6.23 -11.42 -17.31
CA TYR B 423 7.16 -11.33 -16.20
C TYR B 423 6.74 -10.23 -15.25
N ALA B 424 6.45 -9.03 -15.78
CA ALA B 424 6.01 -7.93 -14.94
C ALA B 424 4.73 -8.29 -14.20
N ASP B 425 3.81 -8.97 -14.88
CA ASP B 425 2.55 -9.34 -14.25
C ASP B 425 2.79 -10.27 -13.06
N ARG B 426 3.87 -11.04 -13.09
CA ARG B 426 4.17 -11.96 -12.00
C ARG B 426 4.87 -11.28 -10.82
N ALA B 427 5.09 -9.97 -10.87
CA ALA B 427 5.59 -9.27 -9.69
C ALA B 427 4.46 -8.77 -8.81
N LYS B 428 3.22 -9.20 -9.08
CA LYS B 428 2.10 -8.94 -8.19
C LYS B 428 2.11 -9.91 -7.03
N GLU B 429 1.75 -9.44 -5.84
CA GLU B 429 1.61 -10.34 -4.71
C GLU B 429 0.47 -11.32 -4.96
N ILE B 430 0.68 -12.56 -4.52
CA ILE B 430 -0.27 -13.65 -4.75
C ILE B 430 -1.32 -13.62 -3.66
N LYS B 431 -2.61 -13.65 -4.04
CA LYS B 431 -3.68 -13.70 -3.05
C LYS B 431 -3.77 -15.15 -2.58
N THR B 432 -3.12 -15.44 -1.46
CA THR B 432 -3.18 -16.75 -0.85
C THR B 432 -4.33 -16.81 0.15
N LYS B 433 -4.91 -18.01 0.29
CA LYS B 433 -5.89 -18.28 1.33
C LYS B 433 -5.16 -18.64 2.62
N LEU B 434 -5.86 -18.53 3.75
CA LEU B 434 -5.14 -18.73 5.01
C LEU B 434 -5.02 -20.23 5.32
N ILE B 435 -6.17 -20.92 5.36
CA ILE B 435 -6.27 -22.37 5.53
C ILE B 435 -5.94 -22.79 6.96
N ARG B 436 -6.82 -23.59 7.55
CA ARG B 436 -6.72 -24.01 8.95
C ARG B 436 -6.90 -25.52 9.02
N ASN B 437 -6.04 -26.17 9.81
CA ASN B 437 -6.01 -27.63 9.91
C ASN B 437 -5.89 -28.30 8.53
PB ADP C . -24.23 8.63 16.39
O1B ADP C . -24.66 9.19 17.72
O2B ADP C . -24.61 7.18 16.19
O3B ADP C . -22.81 8.96 16.00
PA ADP C . -26.42 8.78 14.66
O1A ADP C . -27.38 8.41 15.77
O2A ADP C . -25.98 7.74 13.67
O3A ADP C . -25.12 9.44 15.33
O5' ADP C . -27.07 10.01 13.84
C5' ADP C . -27.60 11.15 14.52
C4' ADP C . -28.85 11.58 13.77
O4' ADP C . -28.50 12.13 12.51
C3' ADP C . -29.75 10.38 13.51
O3' ADP C . -31.12 10.74 13.74
C2' ADP C . -29.56 10.07 12.03
O2' ADP C . -30.79 9.65 11.44
C1' ADP C . -29.08 11.38 11.44
N9 ADP C . -28.05 11.14 10.41
C8 ADP C . -26.76 10.85 10.66
N7 ADP C . -26.07 10.69 9.50
C5 ADP C . -26.94 10.88 8.48
C6 ADP C . -26.87 10.86 7.00
N6 ADP C . -25.71 10.59 6.36
N1 ADP C . -28.00 11.11 6.31
C2 ADP C . -29.16 11.38 6.95
N3 ADP C . -29.30 11.41 8.28
C4 ADP C . -28.24 11.18 9.09
MG MG D . -25.07 5.89 17.88
PB ADP E . 18.81 -1.70 -24.06
O1B ADP E . 17.52 -2.29 -23.54
O2B ADP E . 19.60 -0.92 -23.05
O3B ADP E . 19.65 -2.65 -24.90
PA ADP E . 19.05 0.84 -25.20
O1A ADP E . 18.66 1.62 -23.96
O2A ADP E . 20.51 0.64 -25.54
O3A ADP E . 18.33 -0.59 -25.14
O5' ADP E . 18.34 1.55 -26.46
C5' ADP E . 18.41 1.00 -27.77
C4' ADP E . 18.35 2.17 -28.75
O4' ADP E . 17.04 2.74 -28.69
C3' ADP E . 19.33 3.25 -28.31
O3' ADP E . 20.06 3.72 -29.44
C2' ADP E . 18.48 4.37 -27.75
O2' ADP E . 18.99 5.65 -28.12
C1' ADP E . 17.10 4.12 -28.36
N9 ADP E . 16.04 4.43 -27.37
C8 ADP E . 15.57 3.60 -26.43
N7 ADP E . 14.59 4.19 -25.69
C5 ADP E . 14.44 5.44 -26.16
C6 ADP E . 13.57 6.60 -25.83
N6 ADP E . 12.67 6.54 -24.82
N1 ADP E . 13.73 7.73 -26.57
C2 ADP E . 14.62 7.80 -27.58
N3 ADP E . 15.43 6.78 -27.93
C4 ADP E . 15.38 5.60 -27.27
MG MG F . 21.83 -1.55 -22.42
#